data_3EQ5
#
_entry.id   3EQ5
#
_cell.length_a   210.820
_cell.length_b   70.120
_cell.length_c   116.280
_cell.angle_alpha   90.00
_cell.angle_beta   100.95
_cell.angle_gamma   90.00
#
_symmetry.space_group_name_H-M   'C 1 2 1'
#
loop_
_entity.id
_entity.type
_entity.pdbx_description
1 polymer 'Ski-like protein'
2 water water
#
_entity_poly.entity_id   1
_entity_poly.type   'polypeptide(L)'
_entity_poly.pdbx_seq_one_letter_code
;MHHHHHHSSGVDLGTENLYFQSMPSDSSTELTQTVLEGESISCFQVGGEKRLCLPQVLNSVLREFTLQQINTVCDELYIY
CSRCTSDQLHILKVLGILPFNAPSCGLITLTDAQRLCNALLRPRT
;
_entity_poly.pdbx_strand_id   A,B,C,D,E,F,G,H,I,J,K,L
#
# COMPACT_ATOMS: atom_id res chain seq x y z
N SER A 22 23.73 -44.70 2.68
CA SER A 22 22.72 -44.24 3.68
C SER A 22 21.33 -44.72 3.30
N MET A 23 20.41 -44.68 4.26
CA MET A 23 19.03 -45.09 4.02
C MET A 23 18.20 -43.88 3.59
N PRO A 24 17.12 -44.11 2.83
CA PRO A 24 16.24 -43.00 2.41
C PRO A 24 15.66 -42.21 3.58
N SER A 25 15.32 -42.90 4.67
CA SER A 25 14.78 -42.26 5.86
C SER A 25 15.79 -41.39 6.62
N ASP A 26 17.08 -41.48 6.28
CA ASP A 26 18.12 -40.69 6.96
C ASP A 26 17.98 -39.18 6.76
N SER A 27 17.34 -38.78 5.67
CA SER A 27 17.16 -37.35 5.39
C SER A 27 15.81 -37.08 4.74
N SER A 28 15.24 -35.93 5.10
CA SER A 28 14.04 -35.40 4.47
C SER A 28 14.35 -34.12 3.71
N THR A 29 15.64 -33.83 3.55
CA THR A 29 16.09 -32.61 2.89
C THR A 29 16.95 -32.91 1.66
N GLU A 30 16.94 -34.17 1.22
CA GLU A 30 17.61 -34.57 -0.01
C GLU A 30 16.60 -34.59 -1.13
N LEU A 31 16.71 -33.61 -2.03
CA LEU A 31 15.81 -33.54 -3.18
C LEU A 31 16.22 -34.60 -4.16
N THR A 32 15.27 -35.46 -4.50
CA THR A 32 15.46 -36.49 -5.52
CA THR A 32 15.45 -36.51 -5.49
C THR A 32 14.46 -36.28 -6.64
N GLN A 33 14.58 -37.05 -7.71
CA GLN A 33 13.61 -36.98 -8.79
C GLN A 33 13.02 -38.36 -9.08
N THR A 34 11.75 -38.39 -9.48
CA THR A 34 11.07 -39.63 -9.81
C THR A 34 10.09 -39.39 -10.95
N VAL A 35 9.83 -40.42 -11.75
CA VAL A 35 8.99 -40.29 -12.94
C VAL A 35 7.50 -40.49 -12.64
N LEU A 36 6.68 -39.58 -13.17
CA LEU A 36 5.22 -39.66 -13.04
C LEU A 36 4.58 -39.22 -14.36
N GLU A 37 3.94 -40.15 -15.05
CA GLU A 37 3.33 -39.89 -16.36
C GLU A 37 4.35 -39.32 -17.35
N GLY A 38 5.56 -39.89 -17.35
CA GLY A 38 6.64 -39.45 -18.24
C GLY A 38 7.25 -38.11 -17.86
N GLU A 39 6.98 -37.65 -16.64
CA GLU A 39 7.44 -36.36 -16.18
C GLU A 39 8.35 -36.58 -14.98
N SER A 40 9.48 -35.88 -14.95
CA SER A 40 10.44 -36.03 -13.87
C SER A 40 10.14 -35.04 -12.74
N ILE A 41 9.47 -35.52 -11.69
CA ILE A 41 9.00 -34.68 -10.58
C ILE A 41 9.98 -34.73 -9.40
N SER A 42 10.28 -33.58 -8.80
CA SER A 42 11.17 -33.51 -7.64
C SER A 42 10.48 -34.05 -6.39
N CYS A 43 11.26 -34.63 -5.47
CA CYS A 43 10.71 -35.31 -4.29
CA CYS A 43 10.68 -35.24 -4.28
C CYS A 43 11.60 -35.23 -3.06
N PHE A 44 10.99 -35.29 -1.88
CA PHE A 44 11.67 -35.52 -0.60
C PHE A 44 11.15 -36.83 0.00
N GLN A 45 11.95 -37.47 0.84
CA GLN A 45 11.49 -38.61 1.63
C GLN A 45 10.97 -38.09 2.97
N VAL A 46 9.67 -38.23 3.23
CA VAL A 46 9.07 -37.76 4.48
C VAL A 46 8.19 -38.84 5.10
N GLY A 47 8.48 -39.17 6.36
CA GLY A 47 7.75 -40.24 7.06
C GLY A 47 7.68 -41.56 6.31
N GLY A 48 8.78 -41.94 5.65
CA GLY A 48 8.90 -43.25 5.02
C GLY A 48 8.28 -43.39 3.63
N GLU A 49 7.95 -42.27 3.00
CA GLU A 49 7.40 -42.28 1.64
C GLU A 49 7.99 -41.16 0.80
N LYS A 50 8.17 -41.42 -0.50
CA LYS A 50 8.51 -40.37 -1.45
C LYS A 50 7.32 -39.43 -1.57
N ARG A 51 7.57 -38.14 -1.40
CA ARG A 51 6.53 -37.12 -1.54
C ARG A 51 6.91 -36.09 -2.61
N LEU A 52 6.00 -35.91 -3.57
CA LEU A 52 6.26 -35.15 -4.78
C LEU A 52 5.87 -33.68 -4.61
N CYS A 53 6.57 -32.80 -5.32
CA CYS A 53 6.28 -31.37 -5.33
C CYS A 53 4.93 -31.10 -6.00
N LEU A 54 3.91 -30.81 -5.19
CA LEU A 54 2.53 -30.72 -5.68
C LEU A 54 2.33 -29.77 -6.87
N PRO A 55 2.95 -28.56 -6.84
CA PRO A 55 2.81 -27.65 -7.97
C PRO A 55 3.21 -28.24 -9.32
N GLN A 56 4.25 -29.08 -9.35
CA GLN A 56 4.66 -29.75 -10.58
C GLN A 56 3.62 -30.76 -11.05
N VAL A 57 3.00 -31.46 -10.10
CA VAL A 57 1.97 -32.43 -10.45
C VAL A 57 0.70 -31.74 -10.98
N LEU A 58 0.26 -30.70 -10.28
CA LEU A 58 -0.95 -29.96 -10.65
C LEU A 58 -0.80 -29.16 -11.94
N ASN A 59 0.28 -28.39 -12.05
CA ASN A 59 0.43 -27.44 -13.16
C ASN A 59 1.13 -28.00 -14.39
N SER A 60 1.56 -29.25 -14.33
CA SER A 60 2.17 -29.92 -15.50
C SER A 60 1.47 -31.24 -15.80
N VAL A 61 1.64 -32.24 -14.95
CA VAL A 61 1.10 -33.58 -15.20
C VAL A 61 -0.42 -33.60 -15.27
N LEU A 62 -1.08 -32.79 -14.45
CA LEU A 62 -2.54 -32.74 -14.40
C LEU A 62 -3.11 -31.36 -14.80
N ARG A 63 -2.42 -30.67 -15.70
CA ARG A 63 -2.86 -29.34 -16.14
C ARG A 63 -4.16 -29.38 -16.94
N GLU A 64 -4.40 -30.47 -17.68
CA GLU A 64 -5.61 -30.61 -18.51
C GLU A 64 -6.87 -30.94 -17.70
N PHE A 65 -6.78 -30.87 -16.37
CA PHE A 65 -7.93 -30.98 -15.48
C PHE A 65 -8.01 -29.75 -14.57
N THR A 66 -9.23 -29.30 -14.31
CA THR A 66 -9.44 -28.11 -13.47
C THR A 66 -9.14 -28.41 -12.01
N LEU A 67 -8.84 -27.36 -11.23
CA LEU A 67 -8.59 -27.51 -9.80
C LEU A 67 -9.82 -28.00 -9.06
N GLN A 68 -10.99 -27.56 -9.50
CA GLN A 68 -12.26 -28.02 -8.92
C GLN A 68 -12.40 -29.54 -9.04
N GLN A 69 -12.05 -30.08 -10.20
CA GLN A 69 -12.16 -31.52 -10.45
C GLN A 69 -11.05 -32.30 -9.75
N ILE A 70 -9.83 -31.75 -9.78
CA ILE A 70 -8.69 -32.33 -9.07
C ILE A 70 -9.00 -32.50 -7.58
N ASN A 71 -9.55 -31.44 -6.97
CA ASN A 71 -9.94 -31.47 -5.56
C ASN A 71 -11.09 -32.44 -5.28
N THR A 72 -12.03 -32.52 -6.22
CA THR A 72 -13.17 -33.44 -6.11
C THR A 72 -12.71 -34.89 -6.08
N VAL A 73 -11.75 -35.23 -6.94
CA VAL A 73 -11.17 -36.57 -6.97
C VAL A 73 -10.41 -36.86 -5.68
N CYS A 74 -9.60 -35.89 -5.24
CA CYS A 74 -8.82 -36.02 -4.01
C CYS A 74 -9.70 -36.30 -2.78
N ASP A 75 -10.80 -35.56 -2.65
CA ASP A 75 -11.79 -35.82 -1.60
C ASP A 75 -12.36 -37.23 -1.70
N GLU A 76 -12.57 -37.69 -2.94
CA GLU A 76 -13.18 -39.01 -3.19
C GLU A 76 -12.23 -40.14 -2.82
N LEU A 77 -10.97 -40.01 -3.24
CA LEU A 77 -9.95 -41.05 -3.00
C LEU A 77 -9.18 -40.86 -1.68
N TYR A 78 -9.56 -39.86 -0.89
CA TYR A 78 -8.93 -39.60 0.41
C TYR A 78 -7.44 -39.30 0.27
N ILE A 79 -7.10 -38.40 -0.64
CA ILE A 79 -5.71 -38.02 -0.86
C ILE A 79 -5.23 -37.09 0.25
N TYR A 80 -4.22 -37.54 0.99
CA TYR A 80 -3.68 -36.79 2.13
C TYR A 80 -2.57 -35.86 1.65
N CYS A 81 -2.90 -34.61 1.34
CA CYS A 81 -1.86 -33.63 0.98
C CYS A 81 -1.40 -32.82 2.21
N SER A 82 -0.11 -32.49 2.22
CA SER A 82 0.53 -31.80 3.33
C SER A 82 1.53 -30.75 2.81
N ARG A 83 1.95 -29.85 3.70
CA ARG A 83 2.82 -28.75 3.32
C ARG A 83 4.28 -29.05 3.62
N CYS A 84 5.17 -28.54 2.76
N CYS A 84 5.20 -28.56 2.77
CA CYS A 84 6.63 -28.63 2.94
CA CYS A 84 6.62 -28.79 3.00
C CYS A 84 7.05 -27.88 4.19
C CYS A 84 7.11 -27.87 4.12
N THR A 85 8.19 -28.29 4.76
CA THR A 85 8.81 -27.53 5.85
C THR A 85 9.51 -26.31 5.25
N SER A 86 9.88 -25.35 6.09
CA SER A 86 10.59 -24.17 5.60
C SER A 86 11.94 -24.56 4.98
N ASP A 87 12.60 -25.58 5.53
CA ASP A 87 13.82 -26.15 4.95
C ASP A 87 13.57 -26.74 3.56
N GLN A 88 12.51 -27.53 3.42
CA GLN A 88 12.14 -28.13 2.13
C GLN A 88 11.75 -27.06 1.11
N LEU A 89 10.98 -26.07 1.55
CA LEU A 89 10.60 -24.95 0.71
C LEU A 89 11.82 -24.27 0.10
N HIS A 90 12.83 -24.00 0.93
CA HIS A 90 14.00 -23.25 0.48
C HIS A 90 14.90 -24.05 -0.46
N ILE A 91 15.06 -25.34 -0.17
CA ILE A 91 15.80 -26.25 -1.06
C ILE A 91 15.16 -26.28 -2.45
N LEU A 92 13.83 -26.32 -2.51
CA LEU A 92 13.13 -26.33 -3.79
C LEU A 92 13.39 -25.06 -4.60
N LYS A 93 13.66 -23.96 -3.92
CA LYS A 93 14.01 -22.70 -4.58
C LYS A 93 15.45 -22.70 -5.08
N VAL A 94 16.41 -23.06 -4.21
CA VAL A 94 17.82 -22.97 -4.59
C VAL A 94 18.15 -23.95 -5.73
N LEU A 95 17.57 -25.14 -5.66
CA LEU A 95 17.77 -26.16 -6.69
C LEU A 95 16.86 -25.94 -7.93
N GLY A 96 16.16 -24.82 -7.97
CA GLY A 96 15.60 -24.29 -9.22
C GLY A 96 14.23 -24.79 -9.60
N ILE A 97 13.52 -25.41 -8.66
CA ILE A 97 12.20 -26.00 -8.96
C ILE A 97 11.07 -25.01 -8.75
N LEU A 98 11.18 -24.20 -7.71
CA LEU A 98 10.14 -23.20 -7.39
C LEU A 98 10.67 -21.77 -7.49
N PRO A 99 9.78 -20.82 -7.83
CA PRO A 99 10.17 -19.42 -7.76
C PRO A 99 10.42 -19.01 -6.32
N PHE A 100 11.38 -18.12 -6.10
CA PHE A 100 11.78 -17.71 -4.77
C PHE A 100 10.68 -16.98 -3.99
N ASN A 101 9.72 -16.39 -4.69
CA ASN A 101 8.58 -15.74 -4.02
C ASN A 101 7.58 -16.72 -3.41
N ALA A 102 7.63 -17.98 -3.83
CA ALA A 102 6.67 -18.99 -3.36
C ALA A 102 6.55 -19.02 -1.82
N PRO A 103 5.35 -18.73 -1.28
CA PRO A 103 5.16 -18.71 0.18
C PRO A 103 5.06 -20.11 0.81
N SER A 104 4.62 -21.10 0.03
CA SER A 104 4.50 -22.47 0.52
C SER A 104 4.51 -23.46 -0.62
N CYS A 105 4.54 -24.74 -0.30
CA CYS A 105 4.48 -25.79 -1.31
C CYS A 105 3.88 -27.06 -0.73
N GLY A 106 2.87 -27.59 -1.42
CA GLY A 106 2.26 -28.85 -1.02
C GLY A 106 3.10 -30.04 -1.44
N LEU A 107 2.94 -31.15 -0.73
CA LEU A 107 3.55 -32.41 -1.10
C LEU A 107 2.48 -33.49 -1.19
N ILE A 108 2.63 -34.37 -2.18
CA ILE A 108 1.74 -35.51 -2.38
C ILE A 108 2.61 -36.77 -2.43
N THR A 109 2.18 -37.83 -1.76
CA THR A 109 2.93 -39.09 -1.80
C THR A 109 2.90 -39.69 -3.21
N LEU A 110 3.99 -40.36 -3.59
CA LEU A 110 4.06 -41.02 -4.91
C LEU A 110 2.83 -41.91 -5.13
N THR A 111 2.49 -42.67 -4.10
CA THR A 111 1.37 -43.61 -4.18
C THR A 111 0.03 -42.90 -4.37
N ASP A 112 -0.17 -41.75 -3.71
CA ASP A 112 -1.39 -40.95 -3.91
C ASP A 112 -1.38 -40.23 -5.27
N ALA A 113 -0.20 -39.84 -5.74
CA ALA A 113 -0.09 -39.20 -7.06
C ALA A 113 -0.45 -40.18 -8.17
N GLN A 114 0.04 -41.42 -8.06
CA GLN A 114 -0.21 -42.43 -9.08
C GLN A 114 -1.70 -42.80 -9.16
N ARG A 115 -2.35 -42.96 -7.99
CA ARG A 115 -3.78 -43.32 -7.98
C ARG A 115 -4.70 -42.12 -8.25
N LEU A 116 -4.22 -40.91 -7.99
CA LEU A 116 -4.91 -39.70 -8.43
C LEU A 116 -4.86 -39.63 -9.95
N CYS A 117 -3.68 -39.83 -10.50
CA CYS A 117 -3.50 -39.85 -11.95
C CYS A 117 -4.36 -40.92 -12.61
N ASN A 118 -4.41 -42.11 -12.00
CA ASN A 118 -5.25 -43.20 -12.50
C ASN A 118 -6.70 -42.75 -12.65
N ALA A 119 -7.22 -42.11 -11.61
CA ALA A 119 -8.63 -41.69 -11.56
C ALA A 119 -8.98 -40.65 -12.63
N LEU A 120 -8.04 -39.76 -12.91
CA LEU A 120 -8.27 -38.66 -13.87
C LEU A 120 -7.96 -39.03 -15.32
N LEU A 121 -6.75 -39.52 -15.56
CA LEU A 121 -6.30 -39.81 -16.93
C LEU A 121 -6.85 -41.12 -17.50
N ARG A 122 -7.19 -42.06 -16.63
CA ARG A 122 -7.74 -43.36 -17.07
C ARG A 122 -8.95 -43.81 -16.24
N PRO A 123 -10.08 -43.09 -16.34
CA PRO A 123 -11.30 -43.47 -15.61
C PRO A 123 -11.81 -44.87 -15.96
N SER B 28 14.46 -3.08 -23.01
CA SER B 28 13.43 -2.96 -21.93
C SER B 28 13.48 -4.16 -20.98
N THR B 29 14.32 -4.04 -19.95
CA THR B 29 14.59 -5.12 -19.01
C THR B 29 14.12 -4.75 -17.59
N GLU B 30 13.23 -3.76 -17.50
CA GLU B 30 12.67 -3.32 -16.24
C GLU B 30 11.33 -3.99 -15.99
N LEU B 31 11.24 -4.77 -14.92
CA LEU B 31 10.02 -5.48 -14.57
C LEU B 31 9.06 -4.57 -13.84
N THR B 32 7.78 -4.70 -14.14
CA THR B 32 6.72 -4.02 -13.42
C THR B 32 5.57 -5.00 -13.27
N GLN B 33 4.43 -4.55 -12.74
CA GLN B 33 3.23 -5.39 -12.76
C GLN B 33 1.95 -4.61 -13.05
N THR B 34 0.93 -5.37 -13.44
CA THR B 34 -0.34 -4.82 -13.91
C THR B 34 -1.47 -5.79 -13.52
N VAL B 35 -2.60 -5.24 -13.10
CA VAL B 35 -3.73 -6.05 -12.64
C VAL B 35 -4.39 -6.82 -13.82
N LEU B 36 -4.81 -8.05 -13.53
CA LEU B 36 -5.53 -8.88 -14.50
C LEU B 36 -6.45 -9.85 -13.76
N GLU B 37 -7.76 -9.68 -13.92
CA GLU B 37 -8.75 -10.48 -13.20
C GLU B 37 -8.47 -10.55 -11.70
N GLY B 38 -8.09 -9.42 -11.11
CA GLY B 38 -7.78 -9.34 -9.68
C GLY B 38 -6.33 -9.61 -9.32
N GLU B 39 -5.72 -10.58 -10.01
CA GLU B 39 -4.32 -10.93 -9.76
C GLU B 39 -3.37 -9.88 -10.34
N SER B 40 -2.22 -9.71 -9.68
CA SER B 40 -1.19 -8.78 -10.13
C SER B 40 -0.13 -9.54 -10.92
N ILE B 41 -0.10 -9.32 -12.22
CA ILE B 41 0.78 -10.08 -13.11
C ILE B 41 2.02 -9.26 -13.42
N SER B 42 3.18 -9.89 -13.25
CA SER B 42 4.45 -9.27 -13.59
C SER B 42 4.55 -9.10 -15.11
N CYS B 43 5.11 -7.98 -15.55
CA CYS B 43 5.13 -7.64 -16.97
C CYS B 43 6.24 -6.67 -17.35
N PHE B 44 6.56 -6.64 -18.65
CA PHE B 44 7.57 -5.73 -19.20
C PHE B 44 6.93 -4.62 -20.02
N GLN B 45 7.33 -3.37 -19.77
CA GLN B 45 6.89 -2.23 -20.56
C GLN B 45 7.77 -2.10 -21.79
N VAL B 46 7.30 -2.68 -22.89
CA VAL B 46 8.02 -2.63 -24.16
C VAL B 46 7.35 -1.59 -25.04
N GLY B 47 7.88 -0.38 -25.03
CA GLY B 47 7.27 0.74 -25.74
C GLY B 47 5.92 1.07 -25.12
N GLY B 48 4.88 1.11 -25.95
CA GLY B 48 3.53 1.42 -25.49
C GLY B 48 2.72 0.21 -25.06
N GLU B 49 3.34 -0.96 -25.07
CA GLU B 49 2.66 -2.21 -24.72
C GLU B 49 3.22 -2.82 -23.44
N LYS B 50 2.32 -3.42 -22.67
CA LYS B 50 2.69 -4.23 -21.50
CA LYS B 50 2.71 -4.23 -21.52
C LYS B 50 2.63 -5.71 -21.89
N ARG B 51 3.75 -6.42 -21.74
CA ARG B 51 3.82 -7.86 -22.04
C ARG B 51 3.86 -8.68 -20.74
N LEU B 52 2.76 -9.38 -20.47
CA LEU B 52 2.57 -10.10 -19.21
C LEU B 52 3.26 -11.45 -19.17
N CYS B 53 3.72 -11.85 -17.98
CA CYS B 53 4.32 -13.16 -17.73
C CYS B 53 3.29 -14.28 -17.97
N LEU B 54 3.49 -15.06 -19.02
CA LEU B 54 2.48 -16.03 -19.48
C LEU B 54 2.15 -17.13 -18.46
N PRO B 55 3.19 -17.74 -17.85
CA PRO B 55 2.87 -18.78 -16.88
C PRO B 55 1.99 -18.30 -15.73
N GLN B 56 2.12 -17.04 -15.33
CA GLN B 56 1.25 -16.49 -14.28
C GLN B 56 -0.19 -16.39 -14.76
N VAL B 57 -0.36 -16.05 -16.03
CA VAL B 57 -1.70 -15.95 -16.63
C VAL B 57 -2.34 -17.33 -16.78
N LEU B 58 -1.60 -18.28 -17.36
CA LEU B 58 -2.14 -19.60 -17.66
C LEU B 58 -2.38 -20.42 -16.40
N ASN B 59 -1.37 -20.48 -15.54
CA ASN B 59 -1.41 -21.41 -14.41
C ASN B 59 -2.05 -20.88 -13.14
N SER B 60 -2.64 -19.67 -13.19
CA SER B 60 -3.45 -19.18 -12.05
C SER B 60 -4.72 -18.45 -12.49
N VAL B 61 -4.58 -17.39 -13.29
CA VAL B 61 -5.75 -16.63 -13.72
C VAL B 61 -6.71 -17.48 -14.55
N LEU B 62 -6.14 -18.29 -15.45
CA LEU B 62 -6.92 -19.17 -16.32
C LEU B 62 -6.68 -20.65 -16.01
N ARG B 63 -6.46 -20.96 -14.74
CA ARG B 63 -6.18 -22.34 -14.33
C ARG B 63 -7.42 -23.24 -14.41
N GLU B 64 -8.61 -22.65 -14.32
CA GLU B 64 -9.86 -23.41 -14.42
C GLU B 64 -10.20 -23.80 -15.88
N PHE B 65 -9.34 -23.43 -16.82
CA PHE B 65 -9.51 -23.83 -18.22
C PHE B 65 -8.29 -24.62 -18.70
N THR B 66 -8.53 -25.67 -19.47
CA THR B 66 -7.46 -26.55 -19.94
C THR B 66 -6.60 -25.85 -20.98
N LEU B 67 -5.35 -26.30 -21.14
CA LEU B 67 -4.45 -25.75 -22.15
C LEU B 67 -5.03 -25.87 -23.56
N GLN B 68 -5.73 -26.97 -23.84
CA GLN B 68 -6.37 -27.18 -25.14
C GLN B 68 -7.38 -26.07 -25.45
N GLN B 69 -8.24 -25.77 -24.48
CA GLN B 69 -9.27 -24.75 -24.62
CA GLN B 69 -9.27 -24.75 -24.67
C GLN B 69 -8.70 -23.33 -24.53
N ILE B 70 -7.48 -23.20 -24.00
CA ILE B 70 -6.77 -21.92 -24.00
C ILE B 70 -6.21 -21.63 -25.40
N ASN B 71 -5.61 -22.64 -26.02
CA ASN B 71 -5.04 -22.51 -27.35
C ASN B 71 -6.10 -22.39 -28.44
N THR B 72 -7.24 -23.05 -28.24
CA THR B 72 -8.35 -22.96 -29.20
C THR B 72 -8.87 -21.53 -29.29
N VAL B 73 -9.04 -20.88 -28.14
CA VAL B 73 -9.47 -19.48 -28.08
C VAL B 73 -8.41 -18.55 -28.68
N CYS B 74 -7.14 -18.85 -28.45
CA CYS B 74 -6.02 -18.04 -28.97
C CYS B 74 -5.95 -18.06 -30.50
N ASP B 75 -6.00 -19.25 -31.07
CA ASP B 75 -6.01 -19.41 -32.54
C ASP B 75 -7.24 -18.78 -33.16
N GLU B 76 -8.36 -18.85 -32.45
CA GLU B 76 -9.63 -18.30 -32.90
C GLU B 76 -9.64 -16.76 -32.84
N LEU B 77 -9.12 -16.22 -31.74
CA LEU B 77 -9.00 -14.77 -31.57
C LEU B 77 -7.71 -14.21 -32.18
N TYR B 78 -6.89 -15.10 -32.74
CA TYR B 78 -5.60 -14.73 -33.35
C TYR B 78 -4.66 -14.03 -32.35
N ILE B 79 -4.59 -14.60 -31.14
CA ILE B 79 -3.66 -14.16 -30.09
C ILE B 79 -2.37 -14.96 -30.21
N TYR B 80 -1.25 -14.25 -30.36
CA TYR B 80 0.08 -14.87 -30.47
CA TYR B 80 0.07 -14.88 -30.46
C TYR B 80 1.00 -14.39 -29.35
N CYS B 81 1.59 -15.33 -28.62
CA CYS B 81 2.48 -15.00 -27.51
C CYS B 81 3.94 -14.95 -27.95
N SER B 82 4.63 -13.90 -27.52
CA SER B 82 6.06 -13.76 -27.82
C SER B 82 6.90 -14.49 -26.78
N ARG B 83 8.21 -14.48 -26.96
CA ARG B 83 9.15 -15.18 -26.08
C ARG B 83 10.07 -14.18 -25.38
N CYS B 84 10.33 -14.41 -24.09
CA CYS B 84 11.27 -13.58 -23.33
C CYS B 84 12.66 -13.62 -23.95
N THR B 85 13.33 -12.48 -23.92
CA THR B 85 14.76 -12.42 -24.23
C THR B 85 15.55 -13.03 -23.08
N SER B 86 16.83 -13.27 -23.31
CA SER B 86 17.72 -13.81 -22.28
CA SER B 86 17.72 -13.81 -22.27
C SER B 86 17.64 -12.96 -21.01
N ASP B 87 17.75 -11.65 -21.17
CA ASP B 87 17.73 -10.71 -20.06
C ASP B 87 16.39 -10.65 -19.36
N GLN B 88 15.31 -10.72 -20.13
CA GLN B 88 13.95 -10.70 -19.58
C GLN B 88 13.70 -11.93 -18.72
N LEU B 89 14.05 -13.10 -19.24
CA LEU B 89 13.92 -14.36 -18.51
C LEU B 89 14.67 -14.33 -17.19
N HIS B 90 15.88 -13.80 -17.21
CA HIS B 90 16.75 -13.85 -16.04
C HIS B 90 16.27 -13.00 -14.87
N ILE B 91 15.71 -11.82 -15.16
CA ILE B 91 15.26 -10.95 -14.08
CA ILE B 91 15.24 -10.93 -14.10
C ILE B 91 13.96 -11.47 -13.45
N LEU B 92 13.16 -12.20 -14.23
CA LEU B 92 11.95 -12.85 -13.71
C LEU B 92 12.35 -13.89 -12.65
N LYS B 93 13.51 -14.50 -12.82
CA LYS B 93 14.06 -15.43 -11.84
C LYS B 93 14.59 -14.69 -10.60
N VAL B 94 15.42 -13.68 -10.84
CA VAL B 94 16.05 -12.90 -9.78
C VAL B 94 15.00 -12.22 -8.89
N LEU B 95 13.96 -11.66 -9.51
CA LEU B 95 12.90 -10.99 -8.76
C LEU B 95 11.81 -11.96 -8.28
N GLY B 96 12.11 -13.26 -8.29
CA GLY B 96 11.32 -14.26 -7.59
C GLY B 96 10.07 -14.78 -8.27
N ILE B 97 9.86 -14.39 -9.54
CA ILE B 97 8.62 -14.74 -10.25
C ILE B 97 8.67 -16.15 -10.83
N LEU B 98 9.77 -16.46 -11.52
CA LEU B 98 9.96 -17.76 -12.14
C LEU B 98 10.99 -18.62 -11.39
N PRO B 99 10.85 -19.94 -11.46
CA PRO B 99 11.89 -20.82 -10.94
C PRO B 99 13.15 -20.74 -11.80
N PHE B 100 14.31 -20.86 -11.17
CA PHE B 100 15.59 -20.65 -11.85
C PHE B 100 15.91 -21.65 -12.95
N ASN B 101 15.27 -22.82 -12.94
CA ASN B 101 15.45 -23.81 -14.00
C ASN B 101 14.73 -23.46 -15.31
N ALA B 102 13.75 -22.56 -15.23
CA ALA B 102 12.95 -22.20 -16.40
C ALA B 102 13.83 -21.99 -17.63
N PRO B 103 13.69 -22.86 -18.65
CA PRO B 103 14.51 -22.75 -19.85
C PRO B 103 14.12 -21.55 -20.72
N SER B 104 12.85 -21.16 -20.64
CA SER B 104 12.33 -20.03 -21.40
C SER B 104 11.04 -19.52 -20.76
N CYS B 105 10.45 -18.48 -21.33
CA CYS B 105 9.19 -17.94 -20.81
C CYS B 105 8.44 -17.10 -21.85
N GLY B 106 7.16 -17.40 -22.02
CA GLY B 106 6.31 -16.69 -22.97
C GLY B 106 5.76 -15.39 -22.43
N LEU B 107 5.39 -14.49 -23.35
CA LEU B 107 4.79 -13.20 -23.00
C LEU B 107 3.51 -12.96 -23.80
N ILE B 108 2.48 -12.44 -23.13
CA ILE B 108 1.22 -12.09 -23.77
C ILE B 108 0.94 -10.61 -23.51
N THR B 109 0.42 -9.89 -24.50
CA THR B 109 0.12 -8.47 -24.33
C THR B 109 -1.08 -8.30 -23.41
N LEU B 110 -1.13 -7.19 -22.69
CA LEU B 110 -2.25 -6.91 -21.77
C LEU B 110 -3.57 -6.97 -22.54
N THR B 111 -3.59 -6.34 -23.72
CA THR B 111 -4.78 -6.34 -24.56
C THR B 111 -5.23 -7.76 -24.90
N ASP B 112 -4.33 -8.56 -25.48
CA ASP B 112 -4.62 -9.96 -25.80
C ASP B 112 -5.01 -10.78 -24.58
N ALA B 113 -4.37 -10.49 -23.46
CA ALA B 113 -4.65 -11.20 -22.21
C ALA B 113 -6.08 -10.92 -21.76
N GLN B 114 -6.50 -9.67 -21.89
CA GLN B 114 -7.85 -9.25 -21.52
C GLN B 114 -8.90 -9.83 -22.47
N ARG B 115 -8.56 -9.95 -23.76
CA ARG B 115 -9.42 -10.62 -24.74
C ARG B 115 -9.57 -12.10 -24.41
N LEU B 116 -8.44 -12.74 -24.15
CA LEU B 116 -8.41 -14.16 -23.78
C LEU B 116 -9.27 -14.43 -22.56
N CYS B 117 -9.08 -13.62 -21.52
CA CYS B 117 -9.85 -13.73 -20.28
C CYS B 117 -11.35 -13.56 -20.54
N ASN B 118 -11.71 -12.53 -21.31
CA ASN B 118 -13.13 -12.27 -21.66
C ASN B 118 -13.80 -13.50 -22.24
N ALA B 119 -13.19 -14.07 -23.26
CA ALA B 119 -13.76 -15.19 -24.00
C ALA B 119 -14.04 -16.41 -23.11
N LEU B 120 -13.15 -16.67 -22.15
CA LEU B 120 -13.20 -17.88 -21.32
C LEU B 120 -14.06 -17.73 -20.07
N LEU B 121 -13.91 -16.58 -19.39
CA LEU B 121 -14.62 -16.31 -18.15
C LEU B 121 -16.01 -15.75 -18.40
N ARG B 122 -16.16 -14.95 -19.47
CA ARG B 122 -17.43 -14.29 -19.77
C ARG B 122 -17.83 -14.50 -21.22
N PRO B 123 -18.15 -15.76 -21.60
CA PRO B 123 -18.56 -16.04 -22.98
C PRO B 123 -19.93 -15.48 -23.33
N ARG B 124 -20.15 -15.20 -24.61
CA ARG B 124 -21.40 -14.63 -25.11
C ARG B 124 -22.29 -15.72 -25.69
N SER C 28 16.60 17.61 -12.20
CA SER C 28 15.48 16.65 -12.39
C SER C 28 14.37 17.25 -13.24
N THR C 29 13.30 16.47 -13.45
CA THR C 29 12.12 16.90 -14.19
C THR C 29 10.86 16.16 -13.73
N GLU C 30 10.96 14.85 -13.56
CA GLU C 30 9.82 14.02 -13.16
C GLU C 30 9.46 14.25 -11.69
N LEU C 31 8.17 14.44 -11.44
CA LEU C 31 7.64 14.74 -10.10
C LEU C 31 7.07 13.46 -9.49
N THR C 32 7.56 13.09 -8.32
CA THR C 32 7.09 11.91 -7.60
C THR C 32 6.42 12.34 -6.29
N GLN C 33 5.97 11.37 -5.51
CA GLN C 33 5.39 11.66 -4.18
C GLN C 33 5.92 10.71 -3.11
N THR C 34 6.10 11.24 -1.91
CA THR C 34 6.55 10.45 -0.75
C THR C 34 5.74 10.85 0.48
N VAL C 35 5.59 9.90 1.42
CA VAL C 35 4.79 10.13 2.62
C VAL C 35 5.60 10.82 3.72
N LEU C 36 4.93 11.69 4.47
CA LEU C 36 5.53 12.41 5.60
C LEU C 36 4.41 12.76 6.60
N GLU C 37 4.56 12.29 7.84
CA GLU C 37 3.53 12.46 8.88
C GLU C 37 2.13 12.10 8.38
N GLY C 38 2.05 11.02 7.60
CA GLY C 38 0.77 10.53 7.07
C GLY C 38 0.20 11.33 5.91
N GLU C 39 0.95 12.30 5.40
CA GLU C 39 0.52 13.15 4.30
C GLU C 39 1.44 12.97 3.11
N SER C 40 0.86 12.93 1.92
CA SER C 40 1.61 12.62 0.69
C SER C 40 2.16 13.88 0.05
N ILE C 41 3.46 14.12 0.24
CA ILE C 41 4.10 15.34 -0.27
C ILE C 41 4.73 15.13 -1.64
N SER C 42 4.57 16.12 -2.51
CA SER C 42 5.20 16.10 -3.83
C SER C 42 6.70 16.37 -3.71
N CYS C 43 7.50 15.66 -4.51
CA CYS C 43 8.96 15.79 -4.42
C CYS C 43 9.68 15.41 -5.72
N PHE C 44 10.89 15.94 -5.86
CA PHE C 44 11.76 15.63 -6.99
C PHE C 44 12.85 14.67 -6.56
N GLN C 45 13.06 13.62 -7.34
CA GLN C 45 14.13 12.67 -7.09
C GLN C 45 15.41 13.19 -7.72
N VAL C 46 16.28 13.76 -6.90
CA VAL C 46 17.55 14.33 -7.37
C VAL C 46 18.73 13.43 -6.97
N GLY C 47 18.98 12.43 -7.80
CA GLY C 47 20.16 11.57 -7.68
C GLY C 47 20.33 10.82 -6.36
N GLY C 48 19.22 10.32 -5.82
CA GLY C 48 19.28 9.51 -4.58
C GLY C 48 18.72 10.22 -3.37
N GLU C 49 18.57 11.53 -3.47
CA GLU C 49 17.88 12.35 -2.47
C GLU C 49 16.51 12.77 -2.99
N LYS C 50 15.51 12.72 -2.12
CA LYS C 50 14.18 13.22 -2.43
C LYS C 50 14.04 14.62 -1.86
N ARG C 51 13.65 15.57 -2.71
CA ARG C 51 13.54 16.96 -2.30
C ARG C 51 12.08 17.43 -2.32
N LEU C 52 11.52 17.63 -1.13
CA LEU C 52 10.09 17.85 -0.95
C LEU C 52 9.66 19.30 -1.18
N CYS C 53 8.45 19.46 -1.69
CA CYS C 53 7.84 20.77 -1.90
C CYS C 53 7.60 21.44 -0.55
N LEU C 54 8.35 22.52 -0.31
CA LEU C 54 8.42 23.11 1.03
C LEU C 54 7.08 23.68 1.55
N PRO C 55 6.33 24.40 0.70
CA PRO C 55 5.04 24.94 1.16
C PRO C 55 4.06 23.89 1.69
N GLN C 56 4.07 22.69 1.11
CA GLN C 56 3.25 21.59 1.63
C GLN C 56 3.68 21.18 3.03
N VAL C 57 4.99 21.13 3.27
CA VAL C 57 5.52 20.77 4.58
C VAL C 57 5.19 21.84 5.61
N LEU C 58 5.38 23.10 5.24
CA LEU C 58 5.16 24.22 6.17
C LEU C 58 3.68 24.48 6.43
N ASN C 59 2.87 24.49 5.37
CA ASN C 59 1.47 24.91 5.47
C ASN C 59 0.46 23.77 5.69
N SER C 60 0.93 22.51 5.67
CA SER C 60 0.06 21.37 5.98
C SER C 60 0.59 20.56 7.15
N VAL C 61 1.79 19.99 6.99
CA VAL C 61 2.37 19.11 8.01
C VAL C 61 2.71 19.89 9.28
N LEU C 62 3.47 20.97 9.13
CA LEU C 62 3.90 21.79 10.26
C LEU C 62 3.05 23.07 10.43
N ARG C 63 1.77 22.98 10.08
CA ARG C 63 0.86 24.13 10.16
C ARG C 63 0.60 24.57 11.60
N GLU C 64 0.62 23.62 12.54
CA GLU C 64 0.37 23.93 13.95
C GLU C 64 1.55 24.62 14.65
N PHE C 65 2.66 24.79 13.93
CA PHE C 65 3.83 25.51 14.43
C PHE C 65 4.02 26.83 13.69
N THR C 66 4.39 27.88 14.42
CA THR C 66 4.65 29.18 13.83
C THR C 66 5.88 29.13 12.93
N LEU C 67 5.93 30.00 11.94
CA LEU C 67 7.09 30.09 11.05
C LEU C 67 8.37 30.44 11.81
N GLN C 68 8.23 31.23 12.88
CA GLN C 68 9.36 31.54 13.76
C GLN C 68 9.89 30.28 14.43
N GLN C 69 8.97 29.48 14.96
CA GLN C 69 9.35 28.24 15.65
C GLN C 69 9.97 27.23 14.69
N ILE C 70 9.54 27.24 13.44
CA ILE C 70 10.08 26.32 12.43
C ILE C 70 11.50 26.72 12.02
N ASN C 71 11.70 27.98 11.69
CA ASN C 71 13.03 28.49 11.32
C ASN C 71 14.03 28.39 12.47
N THR C 72 13.53 28.57 13.69
CA THR C 72 14.35 28.39 14.90
C THR C 72 14.97 27.00 14.90
N VAL C 73 14.13 25.98 14.79
CA VAL C 73 14.57 24.59 14.72
C VAL C 73 15.52 24.32 13.55
N CYS C 74 15.19 24.89 12.38
CA CYS C 74 16.04 24.72 11.20
C CYS C 74 17.45 25.28 11.42
N ASP C 75 17.53 26.40 12.13
CA ASP C 75 18.81 27.03 12.45
C ASP C 75 19.62 26.24 13.47
N GLU C 76 18.93 25.54 14.37
CA GLU C 76 19.59 24.73 15.40
C GLU C 76 20.01 23.37 14.86
N LEU C 77 19.22 22.81 13.95
CA LEU C 77 19.54 21.53 13.30
C LEU C 77 20.38 21.70 12.03
N TYR C 78 20.65 22.94 11.64
CA TYR C 78 21.40 23.25 10.41
C TYR C 78 20.73 22.71 9.15
N ILE C 79 19.41 22.84 9.07
CA ILE C 79 18.66 22.49 7.86
C ILE C 79 18.74 23.66 6.88
N TYR C 80 19.34 23.41 5.72
CA TYR C 80 19.46 24.41 4.67
C TYR C 80 18.55 24.05 3.50
N CYS C 81 17.61 24.95 3.19
CA CYS C 81 16.63 24.70 2.13
C CYS C 81 17.07 25.27 0.79
N SER C 82 16.89 24.48 -0.26
CA SER C 82 17.25 24.90 -1.62
C SER C 82 16.03 25.51 -2.32
N ARG C 83 16.23 25.93 -3.56
CA ARG C 83 15.15 26.50 -4.37
C ARG C 83 14.91 25.66 -5.61
N CYS C 84 13.64 25.54 -6.00
CA CYS C 84 13.28 24.86 -7.24
C CYS C 84 13.92 25.58 -8.42
N THR C 85 14.36 24.81 -9.41
CA THR C 85 14.83 25.39 -10.67
C THR C 85 13.62 25.90 -11.46
N SER C 86 13.89 26.67 -12.51
CA SER C 86 12.83 27.23 -13.35
C SER C 86 11.88 26.14 -13.87
N ASP C 87 12.44 25.01 -14.29
CA ASP C 87 11.66 23.88 -14.79
C ASP C 87 10.87 23.19 -13.67
N GLN C 88 11.51 23.01 -12.51
CA GLN C 88 10.87 22.36 -11.36
C GLN C 88 9.63 23.14 -10.90
N LEU C 89 9.78 24.46 -10.82
CA LEU C 89 8.68 25.34 -10.42
C LEU C 89 7.47 25.18 -11.35
N HIS C 90 7.75 25.17 -12.65
CA HIS C 90 6.69 25.08 -13.67
C HIS C 90 5.94 23.75 -13.62
N ILE C 91 6.67 22.67 -13.37
CA ILE C 91 6.08 21.33 -13.31
C ILE C 91 5.12 21.20 -12.12
N LEU C 92 5.48 21.82 -11.00
CA LEU C 92 4.62 21.88 -9.82
C LEU C 92 3.32 22.65 -10.08
N LYS C 93 3.40 23.65 -10.96
CA LYS C 93 2.21 24.40 -11.36
C LYS C 93 1.32 23.59 -12.29
N VAL C 94 1.94 22.98 -13.30
CA VAL C 94 1.22 22.20 -14.30
C VAL C 94 0.52 20.99 -13.69
N LEU C 95 1.21 20.29 -12.79
CA LEU C 95 0.62 19.12 -12.13
C LEU C 95 -0.28 19.49 -10.94
N GLY C 96 -0.54 20.78 -10.76
CA GLY C 96 -1.62 21.25 -9.88
C GLY C 96 -1.31 21.38 -8.40
N ILE C 97 -0.03 21.35 -8.04
CA ILE C 97 0.37 21.43 -6.64
C ILE C 97 0.48 22.88 -6.20
N LEU C 98 1.14 23.71 -7.00
CA LEU C 98 1.35 25.13 -6.70
C LEU C 98 0.46 26.03 -7.55
N PRO C 99 0.03 27.18 -6.99
CA PRO C 99 -0.66 28.19 -7.82
C PRO C 99 0.26 28.75 -8.91
N PHE C 100 -0.33 29.13 -10.04
CA PHE C 100 0.47 29.57 -11.19
C PHE C 100 1.17 30.92 -10.98
N ASN C 101 0.67 31.73 -10.04
CA ASN C 101 1.30 33.01 -9.72
C ASN C 101 2.58 32.90 -8.88
N ALA C 102 2.80 31.74 -8.26
CA ALA C 102 3.96 31.53 -7.38
C ALA C 102 5.29 31.83 -8.10
N PRO C 103 6.07 32.79 -7.57
CA PRO C 103 7.32 33.19 -8.21
C PRO C 103 8.47 32.22 -7.97
N SER C 104 8.38 31.46 -6.89
CA SER C 104 9.44 30.52 -6.51
C SER C 104 8.84 29.40 -5.67
N CYS C 105 9.68 28.45 -5.28
CA CYS C 105 9.28 27.41 -4.36
C CYS C 105 10.50 26.79 -3.71
N GLY C 106 10.43 26.60 -2.39
CA GLY C 106 11.51 26.01 -1.62
C GLY C 106 11.50 24.50 -1.68
N LEU C 107 12.62 23.90 -1.28
CA LEU C 107 12.77 22.45 -1.21
C LEU C 107 13.53 22.05 0.06
N ILE C 108 13.12 20.92 0.63
CA ILE C 108 13.77 20.36 1.79
C ILE C 108 13.93 18.86 1.54
N THR C 109 15.09 18.32 1.87
CA THR C 109 15.33 16.89 1.65
C THR C 109 14.47 16.07 2.60
N LEU C 110 14.16 14.84 2.22
CA LEU C 110 13.35 13.94 3.04
C LEU C 110 13.98 13.73 4.41
N THR C 111 15.31 13.61 4.44
CA THR C 111 16.04 13.45 5.69
C THR C 111 15.85 14.68 6.58
N ASP C 112 16.18 15.85 6.04
CA ASP C 112 16.04 17.11 6.79
C ASP C 112 14.60 17.34 7.24
N ALA C 113 13.64 17.03 6.37
CA ALA C 113 12.22 17.20 6.68
C ALA C 113 11.80 16.31 7.85
N GLN C 114 12.34 15.10 7.89
CA GLN C 114 12.04 14.14 8.95
C GLN C 114 12.69 14.53 10.28
N ARG C 115 13.95 14.97 10.22
CA ARG C 115 14.61 15.56 11.39
C ARG C 115 13.78 16.71 11.93
N LEU C 116 13.35 17.57 11.02
CA LEU C 116 12.57 18.76 11.37
C LEU C 116 11.25 18.39 12.06
N CYS C 117 10.54 17.42 11.49
CA CYS C 117 9.27 16.98 12.06
C CYS C 117 9.44 16.33 13.43
N ASN C 118 10.53 15.59 13.60
CA ASN C 118 10.86 14.99 14.90
C ASN C 118 11.03 16.05 15.98
N ALA C 119 11.82 17.08 15.67
CA ALA C 119 12.15 18.11 16.66
C ALA C 119 10.93 18.86 17.18
N LEU C 120 9.93 19.05 16.33
CA LEU C 120 8.76 19.86 16.66
C LEU C 120 7.60 19.04 17.21
N LEU C 121 7.29 17.92 16.57
CA LEU C 121 6.15 17.08 16.94
C LEU C 121 6.45 16.13 18.11
N ARG C 122 7.71 15.68 18.20
CA ARG C 122 8.12 14.72 19.22
C ARG C 122 9.43 15.15 19.89
N PRO C 123 9.43 16.33 20.55
CA PRO C 123 10.64 16.82 21.20
C PRO C 123 11.06 15.94 22.39
N ARG C 124 12.24 16.22 22.93
CA ARG C 124 12.76 15.48 24.09
CA ARG C 124 12.77 15.48 24.08
C ARG C 124 13.51 16.42 25.02
N SER D 28 -20.79 38.39 -8.56
CA SER D 28 -20.73 37.00 -8.03
C SER D 28 -19.47 36.28 -8.48
N THR D 29 -19.13 36.41 -9.77
CA THR D 29 -17.94 35.79 -10.35
C THR D 29 -16.81 36.79 -10.63
N GLU D 30 -17.03 38.06 -10.30
CA GLU D 30 -16.06 39.12 -10.53
C GLU D 30 -15.00 39.13 -9.41
N LEU D 31 -13.78 38.68 -9.74
CA LEU D 31 -12.69 38.58 -8.76
C LEU D 31 -11.91 39.89 -8.64
N THR D 32 -11.79 40.37 -7.42
CA THR D 32 -11.03 41.59 -7.11
C THR D 32 -10.11 41.33 -5.90
N GLN D 33 -9.63 42.39 -5.26
CA GLN D 33 -8.74 42.24 -4.10
C GLN D 33 -8.87 43.39 -3.09
N THR D 34 -8.70 43.05 -1.80
CA THR D 34 -8.85 44.01 -0.71
C THR D 34 -7.75 43.80 0.34
N VAL D 35 -7.34 44.88 1.00
CA VAL D 35 -6.23 44.84 1.96
C VAL D 35 -6.66 44.29 3.32
N LEU D 36 -5.94 43.29 3.80
CA LEU D 36 -6.09 42.77 5.16
C LEU D 36 -4.74 42.67 5.84
N GLU D 37 -4.56 43.39 6.94
CA GLU D 37 -3.31 43.42 7.70
C GLU D 37 -2.10 43.71 6.81
N GLY D 38 -2.26 44.66 5.89
CA GLY D 38 -1.18 45.09 4.99
C GLY D 38 -0.96 44.19 3.79
N GLU D 39 -1.73 43.10 3.71
CA GLU D 39 -1.58 42.13 2.63
C GLU D 39 -2.79 42.18 1.70
N SER D 40 -2.53 42.03 0.40
CA SER D 40 -3.57 42.08 -0.62
C SER D 40 -4.20 40.70 -0.82
N ILE D 41 -5.36 40.50 -0.20
CA ILE D 41 -6.09 39.22 -0.29
C ILE D 41 -7.11 39.27 -1.42
N SER D 42 -7.16 38.21 -2.23
CA SER D 42 -8.12 38.09 -3.33
C SER D 42 -9.53 37.86 -2.80
N CYS D 43 -10.51 38.52 -3.41
CA CYS D 43 -11.89 38.45 -2.93
C CYS D 43 -12.91 38.60 -4.04
N PHE D 44 -14.13 38.12 -3.76
CA PHE D 44 -15.25 38.24 -4.69
C PHE D 44 -16.24 39.28 -4.19
N GLN D 45 -16.55 40.27 -5.03
CA GLN D 45 -17.56 41.27 -4.70
C GLN D 45 -18.95 40.70 -4.96
N VAL D 46 -19.64 40.33 -3.89
CA VAL D 46 -20.98 39.75 -3.97
C VAL D 46 -22.01 40.78 -3.50
N GLY D 47 -22.18 41.82 -4.30
CA GLY D 47 -23.17 42.87 -4.04
C GLY D 47 -23.09 43.45 -2.64
N GLY D 48 -22.07 44.25 -2.39
CA GLY D 48 -21.92 44.96 -1.11
C GLY D 48 -20.95 44.31 -0.15
N GLU D 49 -20.96 42.97 -0.12
CA GLU D 49 -20.02 42.21 0.70
C GLU D 49 -18.84 41.72 -0.15
N LYS D 50 -17.63 41.87 0.39
CA LYS D 50 -16.46 41.25 -0.19
C LYS D 50 -16.21 39.93 0.52
N ARG D 51 -16.14 38.84 -0.24
CA ARG D 51 -15.85 37.52 0.29
C ARG D 51 -14.38 37.19 0.03
N LEU D 52 -13.57 37.16 1.08
CA LEU D 52 -12.13 36.96 0.96
C LEU D 52 -11.78 35.48 0.83
N CYS D 53 -10.78 35.20 -0.02
CA CYS D 53 -10.22 33.85 -0.17
C CYS D 53 -9.58 33.38 1.14
N LEU D 54 -10.15 32.33 1.72
CA LEU D 54 -9.80 31.90 3.08
C LEU D 54 -8.40 31.28 3.23
N PRO D 55 -7.96 30.48 2.23
CA PRO D 55 -6.59 29.96 2.32
C PRO D 55 -5.50 31.05 2.45
N GLN D 56 -5.70 32.20 1.83
CA GLN D 56 -4.76 33.31 1.94
C GLN D 56 -4.82 33.96 3.33
N VAL D 57 -6.00 33.94 3.95
CA VAL D 57 -6.18 34.52 5.27
C VAL D 57 -5.51 33.63 6.33
N LEU D 58 -5.79 32.34 6.26
CA LEU D 58 -5.27 31.38 7.24
C LEU D 58 -3.77 31.13 7.09
N ASN D 59 -3.30 30.95 5.86
CA ASN D 59 -1.91 30.55 5.61
C ASN D 59 -0.87 31.68 5.57
N SER D 60 -1.31 32.94 5.60
CA SER D 60 -0.37 34.06 5.58
C SER D 60 -0.68 35.06 6.69
N VAL D 61 -1.85 35.70 6.60
CA VAL D 61 -2.24 36.72 7.56
C VAL D 61 -2.27 36.17 8.99
N LEU D 62 -2.84 34.97 9.15
CA LEU D 62 -3.01 34.36 10.47
C LEU D 62 -2.15 33.12 10.67
N ARG D 63 -1.06 33.03 9.90
CA ARG D 63 -0.15 31.88 9.94
C ARG D 63 0.44 31.62 11.33
N GLU D 64 0.59 32.67 12.14
CA GLU D 64 1.15 32.51 13.47
C GLU D 64 0.20 31.85 14.47
N PHE D 65 -1.06 31.67 14.08
CA PHE D 65 -2.06 31.02 14.92
C PHE D 65 -2.49 29.68 14.32
N THR D 66 -2.64 28.67 15.18
CA THR D 66 -3.02 27.33 14.73
C THR D 66 -4.47 27.31 14.24
N LEU D 67 -4.80 26.31 13.42
CA LEU D 67 -6.16 26.18 12.88
C LEU D 67 -7.21 25.99 13.98
N GLN D 68 -6.89 25.21 15.01
CA GLN D 68 -7.78 25.03 16.15
C GLN D 68 -8.02 26.36 16.88
N GLN D 69 -6.95 27.15 16.99
CA GLN D 69 -7.00 28.48 17.61
C GLN D 69 -7.86 29.45 16.79
N ILE D 70 -7.77 29.35 15.47
CA ILE D 70 -8.59 30.16 14.56
C ILE D 70 -10.05 29.75 14.65
N ASN D 71 -10.30 28.45 14.45
CA ASN D 71 -11.67 27.91 14.45
C ASN D 71 -12.41 28.11 15.79
N THR D 72 -11.68 28.16 16.89
CA THR D 72 -12.26 28.43 18.21
C THR D 72 -12.83 29.84 18.28
N VAL D 73 -12.03 30.82 17.86
CA VAL D 73 -12.44 32.22 17.82
C VAL D 73 -13.60 32.44 16.85
N CYS D 74 -13.58 31.73 15.72
CA CYS D 74 -14.70 31.75 14.77
C CYS D 74 -16.01 31.27 15.43
N ASP D 75 -15.92 30.23 16.25
CA ASP D 75 -17.09 29.72 16.99
C ASP D 75 -17.55 30.68 18.08
N GLU D 76 -16.59 31.31 18.76
CA GLU D 76 -16.91 32.29 19.81
CA GLU D 76 -16.90 32.29 19.81
C GLU D 76 -17.57 33.54 19.22
N LEU D 77 -17.05 34.00 18.08
CA LEU D 77 -17.57 35.18 17.40
C LEU D 77 -18.71 34.88 16.41
N TYR D 78 -19.16 33.63 16.36
CA TYR D 78 -20.23 33.19 15.46
C TYR D 78 -19.90 33.40 13.97
N ILE D 79 -18.62 33.23 13.62
CA ILE D 79 -18.19 33.34 12.22
C ILE D 79 -18.38 31.99 11.53
N TYR D 80 -19.19 31.98 10.47
CA TYR D 80 -19.42 30.79 9.66
C TYR D 80 -18.98 31.06 8.22
N CYS D 81 -17.84 30.50 7.84
CA CYS D 81 -17.28 30.70 6.50
C CYS D 81 -18.07 29.91 5.45
N SER D 82 -18.31 30.56 4.31
CA SER D 82 -19.03 29.92 3.21
C SER D 82 -18.08 29.18 2.28
N ARG D 83 -18.64 28.54 1.26
CA ARG D 83 -17.89 27.76 0.31
C ARG D 83 -17.96 28.41 -1.06
N CYS D 84 -16.83 28.45 -1.77
CA CYS D 84 -16.80 28.89 -3.17
C CYS D 84 -17.71 28.04 -4.03
N THR D 85 -18.33 28.64 -5.04
CA THR D 85 -19.08 27.88 -6.04
C THR D 85 -18.09 27.27 -7.03
N SER D 86 -18.60 26.38 -7.89
CA SER D 86 -17.80 25.77 -8.95
C SER D 86 -17.08 26.84 -9.77
N ASP D 87 -17.83 27.86 -10.19
CA ASP D 87 -17.29 28.96 -10.99
C ASP D 87 -16.24 29.79 -10.26
N GLN D 88 -16.45 30.00 -8.97
CA GLN D 88 -15.51 30.79 -8.16
C GLN D 88 -14.21 30.05 -7.88
N LEU D 89 -14.32 28.75 -7.62
CA LEU D 89 -13.13 27.92 -7.41
C LEU D 89 -12.24 27.89 -8.64
N HIS D 90 -12.87 27.78 -9.81
CA HIS D 90 -12.14 27.62 -11.07
C HIS D 90 -11.48 28.91 -11.55
N ILE D 91 -12.14 30.04 -11.35
CA ILE D 91 -11.59 31.34 -11.77
C ILE D 91 -10.36 31.67 -10.93
N LEU D 92 -10.40 31.30 -9.65
CA LEU D 92 -9.27 31.47 -8.73
C LEU D 92 -8.06 30.67 -9.19
N LYS D 93 -8.31 29.50 -9.78
CA LYS D 93 -7.25 28.67 -10.34
C LYS D 93 -6.70 29.31 -11.61
N VAL D 94 -7.59 29.67 -12.53
CA VAL D 94 -7.21 30.27 -13.81
C VAL D 94 -6.41 31.55 -13.63
N LEU D 95 -6.81 32.38 -12.67
CA LEU D 95 -6.10 33.64 -12.40
C LEU D 95 -4.88 33.47 -11.47
N GLY D 96 -4.55 32.23 -11.14
CA GLY D 96 -3.26 31.90 -10.55
C GLY D 96 -3.17 31.96 -9.03
N ILE D 97 -4.30 32.14 -8.36
CA ILE D 97 -4.31 32.30 -6.90
C ILE D 97 -4.30 30.96 -6.16
N LEU D 98 -5.10 30.00 -6.64
CA LEU D 98 -5.13 28.66 -6.09
C LEU D 98 -4.50 27.65 -7.05
N PRO D 99 -3.94 26.55 -6.52
CA PRO D 99 -3.45 25.46 -7.36
C PRO D 99 -4.61 24.69 -7.96
N PHE D 100 -4.41 24.16 -9.16
CA PHE D 100 -5.49 23.51 -9.92
C PHE D 100 -6.07 22.23 -9.30
N ASN D 101 -5.36 21.62 -8.35
CA ASN D 101 -5.88 20.43 -7.65
C ASN D 101 -6.86 20.77 -6.53
N ALA D 102 -6.89 22.04 -6.12
CA ALA D 102 -7.75 22.50 -5.02
C ALA D 102 -9.20 22.05 -5.22
N PRO D 103 -9.70 21.18 -4.32
CA PRO D 103 -11.07 20.66 -4.47
C PRO D 103 -12.14 21.68 -4.07
N SER D 104 -11.87 22.45 -3.03
CA SER D 104 -12.79 23.48 -2.55
C SER D 104 -12.00 24.68 -2.04
N CYS D 105 -12.72 25.76 -1.73
CA CYS D 105 -12.09 26.97 -1.19
C CYS D 105 -13.05 27.73 -0.31
N GLY D 106 -12.60 28.05 0.91
CA GLY D 106 -13.42 28.78 1.87
C GLY D 106 -13.48 30.26 1.56
N LEU D 107 -14.51 30.91 2.08
CA LEU D 107 -14.70 32.35 1.91
C LEU D 107 -15.16 32.96 3.24
N ILE D 108 -14.54 34.08 3.59
CA ILE D 108 -14.87 34.82 4.81
C ILE D 108 -15.13 36.29 4.47
N THR D 109 -16.13 36.89 5.09
CA THR D 109 -16.46 38.29 4.81
C THR D 109 -15.38 39.22 5.38
N LEU D 110 -15.16 40.35 4.70
CA LEU D 110 -14.16 41.32 5.14
C LEU D 110 -14.41 41.77 6.58
N THR D 111 -15.67 41.98 6.92
CA THR D 111 -16.06 42.35 8.29
C THR D 111 -15.66 41.27 9.28
N ASP D 112 -16.02 40.02 8.99
CA ASP D 112 -15.69 38.90 9.87
C ASP D 112 -14.18 38.66 9.90
N ALA D 113 -13.54 38.75 8.72
CA ALA D 113 -12.08 38.68 8.63
C ALA D 113 -11.42 39.67 9.59
N GLN D 114 -11.89 40.91 9.55
CA GLN D 114 -11.34 41.97 10.40
C GLN D 114 -11.59 41.70 11.88
N ARG D 115 -12.80 41.22 12.22
CA ARG D 115 -13.12 40.82 13.60
C ARG D 115 -12.22 39.70 14.08
N LEU D 116 -12.05 38.68 13.23
CA LEU D 116 -11.17 37.55 13.53
C LEU D 116 -9.76 38.02 13.85
N CYS D 117 -9.21 38.86 12.97
CA CYS D 117 -7.88 39.44 13.18
C CYS D 117 -7.81 40.25 14.47
N ASN D 118 -8.84 41.06 14.71
CA ASN D 118 -8.96 41.84 15.95
C ASN D 118 -8.83 40.93 17.18
N ALA D 119 -9.49 39.78 17.13
CA ALA D 119 -9.50 38.83 18.24
C ALA D 119 -8.16 38.13 18.47
N LEU D 120 -7.47 37.80 17.37
CA LEU D 120 -6.21 37.05 17.44
C LEU D 120 -4.99 37.96 17.58
N LEU D 121 -4.92 39.00 16.75
CA LEU D 121 -3.76 39.89 16.73
C LEU D 121 -3.75 40.94 17.85
N ARG D 122 -4.94 41.42 18.27
CA ARG D 122 -5.03 42.45 19.32
C ARG D 122 -6.12 42.13 20.34
N PRO D 123 -5.91 41.10 21.18
CA PRO D 123 -6.91 40.76 22.19
C PRO D 123 -7.13 41.88 23.22
N THR E 29 -31.37 -4.65 25.88
CA THR E 29 -30.56 -3.67 26.67
C THR E 29 -29.58 -2.93 25.77
N GLU E 30 -29.99 -1.75 25.30
CA GLU E 30 -29.16 -0.93 24.42
C GLU E 30 -28.29 0.01 25.24
N LEU E 31 -27.02 0.12 24.84
CA LEU E 31 -26.05 0.96 25.52
C LEU E 31 -26.12 2.40 25.03
N THR E 32 -26.18 3.34 25.97
CA THR E 32 -26.17 4.77 25.67
C THR E 32 -24.94 5.42 26.34
N GLN E 33 -24.89 6.76 26.38
CA GLN E 33 -23.77 7.47 26.99
C GLN E 33 -24.20 8.76 27.68
N THR E 34 -23.47 9.14 28.73
CA THR E 34 -23.81 10.30 29.55
C THR E 34 -22.57 10.96 30.15
N VAL E 35 -22.61 12.29 30.28
CA VAL E 35 -21.45 13.07 30.70
C VAL E 35 -21.16 12.92 32.20
N LEU E 36 -19.88 12.81 32.53
CA LEU E 36 -19.41 12.80 33.92
C LEU E 36 -18.06 13.50 34.01
N GLU E 37 -18.03 14.65 34.68
CA GLU E 37 -16.79 15.44 34.83
C GLU E 37 -16.14 15.73 33.47
N GLY E 38 -16.96 16.15 32.51
CA GLY E 38 -16.49 16.48 31.16
C GLY E 38 -16.04 15.29 30.34
N GLU E 39 -16.52 14.10 30.69
CA GLU E 39 -16.11 12.85 30.05
C GLU E 39 -17.35 12.05 29.67
N SER E 40 -17.38 11.56 28.43
CA SER E 40 -18.52 10.79 27.93
C SER E 40 -18.43 9.32 28.36
N ILE E 41 -19.15 8.99 29.44
CA ILE E 41 -19.15 7.63 29.99
C ILE E 41 -20.27 6.79 29.37
N SER E 42 -19.94 5.57 28.95
CA SER E 42 -20.92 4.63 28.45
C SER E 42 -21.79 4.12 29.60
N CYS E 43 -23.08 3.93 29.33
CA CYS E 43 -24.03 3.52 30.38
C CYS E 43 -25.28 2.84 29.83
N PHE E 44 -25.91 2.05 30.69
CA PHE E 44 -27.16 1.38 30.35
C PHE E 44 -28.34 2.08 31.02
N GLN E 45 -29.34 2.44 30.21
CA GLN E 45 -30.58 3.02 30.73
C GLN E 45 -31.45 1.89 31.28
N VAL E 46 -31.41 1.71 32.59
CA VAL E 46 -32.25 0.72 33.27
C VAL E 46 -33.34 1.45 34.05
N GLY E 47 -34.53 1.52 33.46
CA GLY E 47 -35.65 2.24 34.07
C GLY E 47 -35.36 3.73 34.15
N GLY E 48 -35.48 4.28 35.35
CA GLY E 48 -35.21 5.70 35.58
C GLY E 48 -33.79 6.02 36.02
N GLU E 49 -32.91 5.02 35.96
CA GLU E 49 -31.49 5.19 36.31
C GLU E 49 -30.58 4.90 35.12
N LYS E 50 -29.48 5.62 35.05
CA LYS E 50 -28.40 5.31 34.13
C LYS E 50 -27.29 4.63 34.91
N ARG E 51 -26.92 3.42 34.49
N ARG E 51 -26.91 3.42 34.49
CA ARG E 51 -25.85 2.63 35.12
CA ARG E 51 -25.86 2.65 35.14
C ARG E 51 -24.56 2.77 34.34
C ARG E 51 -24.55 2.76 34.35
N LEU E 52 -23.61 3.53 34.87
CA LEU E 52 -22.34 3.83 34.17
C LEU E 52 -21.32 2.68 34.23
N CYS E 53 -20.48 2.60 33.21
CA CYS E 53 -19.40 1.61 33.15
C CYS E 53 -18.32 1.97 34.17
N LEU E 54 -18.12 1.10 35.16
CA LEU E 54 -17.21 1.38 36.28
C LEU E 54 -15.73 1.49 35.88
N PRO E 55 -15.20 0.55 35.07
CA PRO E 55 -13.81 0.70 34.62
C PRO E 55 -13.49 2.07 34.02
N GLN E 56 -14.41 2.63 33.23
CA GLN E 56 -14.20 3.93 32.60
C GLN E 56 -14.10 5.05 33.62
N VAL E 57 -14.89 4.98 34.69
CA VAL E 57 -14.89 5.99 35.74
C VAL E 57 -13.59 5.91 36.55
N LEU E 58 -13.21 4.70 36.92
CA LEU E 58 -12.01 4.47 37.74
C LEU E 58 -10.71 4.75 36.99
N ASN E 59 -10.66 4.38 35.70
CA ASN E 59 -9.41 4.44 34.93
C ASN E 59 -9.20 5.70 34.07
N SER E 60 -10.11 6.67 34.17
CA SER E 60 -9.94 7.95 33.46
C SER E 60 -10.39 9.15 34.30
N VAL E 61 -11.65 9.16 34.71
CA VAL E 61 -12.20 10.26 35.52
C VAL E 61 -11.53 10.35 36.89
N LEU E 62 -11.32 9.21 37.53
CA LEU E 62 -10.69 9.16 38.86
C LEU E 62 -9.32 8.44 38.83
N ARG E 63 -8.57 8.61 37.74
CA ARG E 63 -7.24 7.99 37.61
C ARG E 63 -6.27 8.57 38.63
N GLU E 64 -6.43 9.85 38.93
CA GLU E 64 -5.56 10.58 39.87
C GLU E 64 -5.70 10.12 41.33
N PHE E 65 -6.74 9.35 41.62
CA PHE E 65 -6.96 8.83 42.97
C PHE E 65 -6.65 7.34 43.02
N THR E 66 -6.04 6.90 44.12
CA THR E 66 -5.65 5.49 44.28
C THR E 66 -6.87 4.61 44.50
N LEU E 67 -6.76 3.36 44.06
CA LEU E 67 -7.87 2.41 44.09
C LEU E 67 -8.36 2.16 45.52
N GLN E 68 -7.44 2.18 46.48
CA GLN E 68 -7.76 2.07 47.91
C GLN E 68 -8.57 3.27 48.40
N GLN E 69 -8.18 4.47 47.95
CA GLN E 69 -8.83 5.71 48.37
C GLN E 69 -10.20 5.90 47.71
N ILE E 70 -10.40 5.25 46.57
CA ILE E 70 -11.70 5.26 45.88
C ILE E 70 -12.68 4.35 46.62
N ASN E 71 -12.24 3.14 46.92
CA ASN E 71 -13.07 2.16 47.64
C ASN E 71 -13.36 2.55 49.09
N THR E 72 -12.47 3.36 49.68
CA THR E 72 -12.69 3.84 51.05
C THR E 72 -13.77 4.91 51.08
N VAL E 73 -13.79 5.79 50.07
CA VAL E 73 -14.81 6.82 49.95
C VAL E 73 -16.16 6.19 49.59
N CYS E 74 -16.13 5.07 48.87
CA CYS E 74 -17.34 4.30 48.56
C CYS E 74 -17.96 3.71 49.83
N ASP E 75 -17.12 3.21 50.74
CA ASP E 75 -17.58 2.69 52.02
C ASP E 75 -18.01 3.81 52.97
N GLU E 76 -17.44 5.00 52.77
CA GLU E 76 -17.84 6.19 53.50
C GLU E 76 -19.26 6.60 53.13
N LEU E 77 -19.55 6.55 51.84
CA LEU E 77 -20.83 6.97 51.27
C LEU E 77 -21.78 5.80 50.97
N TYR E 78 -21.39 4.60 51.40
CA TYR E 78 -22.21 3.38 51.27
C TYR E 78 -22.61 3.07 49.82
N ILE E 79 -21.64 3.17 48.92
CA ILE E 79 -21.85 2.86 47.51
C ILE E 79 -21.44 1.42 47.23
N TYR E 80 -22.35 0.65 46.66
CA TYR E 80 -22.09 -0.76 46.32
C TYR E 80 -22.46 -0.99 44.86
N CYS E 81 -21.46 -1.29 44.04
CA CYS E 81 -21.65 -1.42 42.60
C CYS E 81 -22.16 -2.80 42.22
N SER E 82 -23.12 -2.83 41.31
CA SER E 82 -23.63 -4.08 40.75
C SER E 82 -22.74 -4.55 39.60
N ARG E 83 -23.02 -5.74 39.10
CA ARG E 83 -22.25 -6.32 38.00
C ARG E 83 -23.12 -6.43 36.75
N CYS E 84 -22.51 -6.20 35.58
CA CYS E 84 -23.21 -6.30 34.30
C CYS E 84 -23.77 -7.70 34.10
N THR E 85 -24.87 -7.79 33.34
CA THR E 85 -25.43 -9.08 32.97
C THR E 85 -24.60 -9.69 31.83
N SER E 86 -24.93 -10.94 31.49
CA SER E 86 -24.28 -11.63 30.38
C SER E 86 -24.39 -10.84 29.07
N ASP E 87 -25.57 -10.29 28.82
CA ASP E 87 -25.83 -9.51 27.61
C ASP E 87 -25.13 -8.16 27.63
N GLN E 88 -25.08 -7.54 28.80
CA GLN E 88 -24.52 -6.19 28.95
C GLN E 88 -23.00 -6.18 28.78
N LEU E 89 -22.33 -7.16 29.36
CA LEU E 89 -20.90 -7.34 29.18
C LEU E 89 -20.59 -7.45 27.70
N HIS E 90 -21.31 -8.35 27.02
CA HIS E 90 -21.06 -8.63 25.61
C HIS E 90 -21.23 -7.40 24.71
N ILE E 91 -22.27 -6.62 24.98
CA ILE E 91 -22.59 -5.43 24.18
C ILE E 91 -21.55 -4.33 24.39
N LEU E 92 -20.96 -4.28 25.59
CA LEU E 92 -19.86 -3.34 25.87
C LEU E 92 -18.60 -3.69 25.07
N LYS E 93 -18.36 -4.99 24.88
CA LYS E 93 -17.22 -5.47 24.11
C LYS E 93 -17.41 -5.26 22.61
N VAL E 94 -18.58 -5.65 22.11
CA VAL E 94 -18.90 -5.54 20.68
C VAL E 94 -18.81 -4.08 20.20
N LEU E 95 -19.31 -3.15 21.01
CA LEU E 95 -19.25 -1.73 20.68
C LEU E 95 -17.93 -1.06 21.07
N GLY E 96 -16.93 -1.86 21.43
CA GLY E 96 -15.55 -1.41 21.54
C GLY E 96 -15.15 -0.65 22.80
N ILE E 97 -15.98 -0.67 23.83
CA ILE E 97 -15.68 0.02 25.08
C ILE E 97 -14.70 -0.80 25.92
N LEU E 98 -15.05 -2.06 26.15
CA LEU E 98 -14.23 -2.97 26.95
C LEU E 98 -13.52 -3.98 26.06
N PRO E 99 -12.38 -4.51 26.54
CA PRO E 99 -11.70 -5.59 25.81
C PRO E 99 -12.46 -6.90 25.92
N PHE E 100 -12.39 -7.73 24.88
CA PHE E 100 -13.18 -8.96 24.81
C PHE E 100 -12.82 -10.00 25.87
N ASN E 101 -11.60 -9.96 26.38
CA ASN E 101 -11.18 -10.87 27.45
C ASN E 101 -11.76 -10.55 28.82
N ALA E 102 -12.20 -9.30 29.01
CA ALA E 102 -12.76 -8.85 30.28
C ALA E 102 -13.83 -9.83 30.82
N PRO E 103 -13.56 -10.45 31.99
CA PRO E 103 -14.45 -11.47 32.53
C PRO E 103 -15.75 -10.90 33.09
N SER E 104 -15.69 -9.69 33.61
CA SER E 104 -16.84 -9.03 34.21
C SER E 104 -16.68 -7.52 34.14
N CYS E 105 -17.71 -6.81 34.54
CA CYS E 105 -17.68 -5.36 34.56
C CYS E 105 -18.65 -4.77 35.59
N GLY E 106 -18.16 -3.85 36.41
CA GLY E 106 -18.97 -3.22 37.45
C GLY E 106 -19.82 -2.09 36.92
N LEU E 107 -20.93 -1.83 37.59
CA LEU E 107 -21.84 -0.73 37.22
C LEU E 107 -22.15 0.16 38.41
N ILE E 108 -22.10 1.46 38.17
CA ILE E 108 -22.37 2.47 39.19
C ILE E 108 -23.38 3.48 38.63
N THR E 109 -24.38 3.84 39.43
CA THR E 109 -25.42 4.77 38.98
C THR E 109 -24.84 6.17 38.78
N LEU E 110 -25.47 6.97 37.93
CA LEU E 110 -25.04 8.35 37.70
C LEU E 110 -25.00 9.12 39.03
N THR E 111 -26.05 8.95 39.84
CA THR E 111 -26.16 9.63 41.13
C THR E 111 -25.01 9.25 42.07
N ASP E 112 -24.71 7.95 42.16
CA ASP E 112 -23.61 7.47 43.00
C ASP E 112 -22.25 7.91 42.45
N ALA E 113 -22.11 7.87 41.13
CA ALA E 113 -20.89 8.34 40.47
C ALA E 113 -20.62 9.81 40.74
N GLN E 114 -21.70 10.60 40.78
CA GLN E 114 -21.62 12.02 41.13
C GLN E 114 -21.37 12.21 42.62
N ARG E 115 -21.91 11.32 43.44
CA ARG E 115 -21.64 11.29 44.88
C ARG E 115 -20.19 10.88 45.17
N LEU E 116 -19.58 10.12 44.27
CA LEU E 116 -18.20 9.73 44.41
C LEU E 116 -17.26 10.83 43.93
N CYS E 117 -17.61 11.45 42.80
CA CYS E 117 -16.74 12.45 42.17
C CYS E 117 -16.54 13.71 43.02
N ASN E 118 -17.61 14.25 43.59
CA ASN E 118 -17.50 15.48 44.41
C ASN E 118 -16.74 15.20 45.71
N ALA E 119 -16.95 14.03 46.30
CA ALA E 119 -16.23 13.63 47.51
C ALA E 119 -14.72 13.60 47.25
N LEU E 120 -14.34 13.13 46.08
CA LEU E 120 -12.92 13.01 45.71
C LEU E 120 -12.34 14.31 45.17
N LEU E 121 -12.99 14.90 44.16
CA LEU E 121 -12.46 16.08 43.47
C LEU E 121 -12.72 17.41 44.19
N ARG E 122 -13.47 17.39 45.29
CA ARG E 122 -13.67 18.58 46.13
C ARG E 122 -13.32 18.28 47.59
N PRO E 123 -13.34 19.32 48.45
CA PRO E 123 -13.28 19.11 49.90
C PRO E 123 -14.51 18.36 50.43
N SER F 28 -12.62 -0.11 -42.34
CA SER F 28 -12.99 0.51 -41.03
C SER F 28 -14.33 -0.01 -40.51
N THR F 29 -14.66 0.36 -39.27
CA THR F 29 -15.92 -0.01 -38.64
C THR F 29 -16.05 0.72 -37.31
N GLU F 30 -16.33 2.02 -37.39
CA GLU F 30 -16.25 2.95 -36.26
C GLU F 30 -14.79 3.12 -35.81
N LEU F 31 -14.22 2.07 -35.21
CA LEU F 31 -12.86 2.13 -34.69
C LEU F 31 -11.82 2.14 -35.81
N THR F 32 -11.08 3.24 -35.90
CA THR F 32 -9.88 3.34 -36.71
C THR F 32 -8.70 3.57 -35.76
N GLN F 33 -7.51 3.81 -36.31
CA GLN F 33 -6.33 4.10 -35.50
C GLN F 33 -5.55 5.27 -36.09
N THR F 34 -4.91 6.02 -35.21
CA THR F 34 -4.06 7.15 -35.62
C THR F 34 -2.75 7.08 -34.81
N VAL F 35 -1.72 7.76 -35.28
CA VAL F 35 -0.42 7.72 -34.64
C VAL F 35 -0.21 8.96 -33.79
N LEU F 36 0.28 8.74 -32.57
CA LEU F 36 0.57 9.80 -31.63
C LEU F 36 1.87 9.44 -30.90
N GLU F 37 2.86 10.30 -31.00
CA GLU F 37 4.16 10.08 -30.35
C GLU F 37 4.72 8.68 -30.64
N GLY F 38 4.72 8.32 -31.91
CA GLY F 38 5.23 7.02 -32.35
C GLY F 38 4.39 5.83 -31.91
N GLU F 39 3.15 6.08 -31.54
CA GLU F 39 2.32 5.06 -30.91
C GLU F 39 0.90 5.09 -31.50
N SER F 40 0.40 3.90 -31.87
CA SER F 40 -0.90 3.76 -32.50
C SER F 40 -2.01 3.72 -31.46
N ILE F 41 -2.87 4.74 -31.46
CA ILE F 41 -3.98 4.84 -30.51
C ILE F 41 -5.32 4.69 -31.24
N SER F 42 -6.21 3.89 -30.66
CA SER F 42 -7.55 3.69 -31.22
C SER F 42 -8.35 4.99 -31.17
N CYS F 43 -9.22 5.19 -32.16
CA CYS F 43 -10.03 6.41 -32.19
C CYS F 43 -11.32 6.24 -32.99
N PHE F 44 -12.28 7.12 -32.69
CA PHE F 44 -13.56 7.17 -33.38
C PHE F 44 -13.73 8.51 -34.09
N GLN F 45 -14.42 8.51 -35.23
CA GLN F 45 -14.74 9.74 -35.93
C GLN F 45 -16.05 10.32 -35.37
N VAL F 46 -15.94 11.49 -34.74
CA VAL F 46 -17.07 12.15 -34.09
C VAL F 46 -17.09 13.62 -34.50
N GLY F 47 -18.21 14.05 -35.10
CA GLY F 47 -18.37 15.43 -35.55
C GLY F 47 -17.25 15.93 -36.45
N GLY F 48 -16.75 15.04 -37.31
CA GLY F 48 -15.64 15.36 -38.20
C GLY F 48 -14.28 15.55 -37.51
N GLU F 49 -14.09 14.90 -36.40
CA GLU F 49 -12.83 14.88 -35.65
C GLU F 49 -12.53 13.46 -35.17
N LYS F 50 -11.25 13.08 -35.27
CA LYS F 50 -10.76 11.81 -34.72
C LYS F 50 -10.65 11.96 -33.21
N ARG F 51 -11.43 11.15 -32.48
CA ARG F 51 -11.47 11.19 -31.03
C ARG F 51 -10.70 9.99 -30.46
N LEU F 52 -9.52 10.27 -29.90
CA LEU F 52 -8.63 9.21 -29.41
C LEU F 52 -9.05 8.69 -28.04
N CYS F 53 -8.78 7.42 -27.79
CA CYS F 53 -9.10 6.78 -26.52
C CYS F 53 -8.15 7.30 -25.45
N LEU F 54 -8.68 8.00 -24.45
CA LEU F 54 -7.84 8.70 -23.47
C LEU F 54 -7.06 7.74 -22.56
N PRO F 55 -7.73 6.72 -22.00
CA PRO F 55 -6.97 5.75 -21.20
C PRO F 55 -5.84 5.06 -21.97
N GLN F 56 -6.01 4.87 -23.29
CA GLN F 56 -4.95 4.29 -24.11
C GLN F 56 -3.80 5.28 -24.26
N VAL F 57 -4.13 6.54 -24.52
CA VAL F 57 -3.12 7.59 -24.66
C VAL F 57 -2.25 7.64 -23.42
N LEU F 58 -2.90 7.58 -22.26
CA LEU F 58 -2.25 7.59 -20.95
C LEU F 58 -1.30 6.41 -20.75
N ASN F 59 -1.75 5.20 -21.11
CA ASN F 59 -0.96 3.99 -20.92
C ASN F 59 0.15 3.79 -21.97
N SER F 60 0.00 4.42 -23.13
CA SER F 60 0.94 4.24 -24.23
C SER F 60 1.96 5.36 -24.33
N VAL F 61 1.51 6.60 -24.24
CA VAL F 61 2.35 7.77 -24.47
C VAL F 61 2.69 8.57 -23.20
N LEU F 62 1.71 8.76 -22.33
CA LEU F 62 1.87 9.58 -21.12
C LEU F 62 2.03 8.72 -19.87
N ARG F 63 2.94 7.76 -19.96
CA ARG F 63 3.15 6.71 -18.93
C ARG F 63 3.61 7.22 -17.57
N GLU F 64 4.24 8.39 -17.56
CA GLU F 64 4.78 8.96 -16.30
C GLU F 64 3.68 9.56 -15.42
N PHE F 65 2.50 9.79 -15.99
CA PHE F 65 1.43 10.52 -15.33
C PHE F 65 0.21 9.68 -15.03
N THR F 66 -0.64 10.20 -14.16
CA THR F 66 -1.90 9.56 -13.82
C THR F 66 -3.05 10.20 -14.60
N LEU F 67 -4.22 9.58 -14.53
CA LEU F 67 -5.42 10.13 -15.16
C LEU F 67 -5.83 11.46 -14.52
N GLN F 68 -5.75 11.54 -13.19
CA GLN F 68 -6.06 12.78 -12.46
C GLN F 68 -5.21 13.94 -12.98
N GLN F 69 -3.90 13.74 -13.01
CA GLN F 69 -2.97 14.74 -13.54
C GLN F 69 -3.34 15.14 -14.97
N ILE F 70 -3.56 14.16 -15.84
CA ILE F 70 -3.97 14.43 -17.22
C ILE F 70 -5.27 15.23 -17.30
N ASN F 71 -6.23 14.91 -16.44
CA ASN F 71 -7.51 15.62 -16.40
C ASN F 71 -7.34 17.10 -16.02
N THR F 72 -6.52 17.36 -15.00
CA THR F 72 -6.30 18.74 -14.55
C THR F 72 -5.47 19.54 -15.56
N VAL F 73 -4.53 18.89 -16.25
CA VAL F 73 -3.78 19.55 -17.32
C VAL F 73 -4.73 19.92 -18.48
N CYS F 74 -5.62 18.99 -18.82
CA CYS F 74 -6.68 19.27 -19.81
C CYS F 74 -7.56 20.45 -19.37
N ASP F 75 -7.79 20.56 -18.05
CA ASP F 75 -8.54 21.69 -17.51
C ASP F 75 -7.78 23.01 -17.77
N GLU F 76 -6.47 22.99 -17.52
CA GLU F 76 -5.60 24.15 -17.76
C GLU F 76 -5.53 24.54 -19.24
N LEU F 77 -5.44 23.53 -20.11
CA LEU F 77 -5.29 23.76 -21.55
C LEU F 77 -6.60 24.09 -22.26
N TYR F 78 -7.71 24.14 -21.51
CA TYR F 78 -9.04 24.37 -22.07
C TYR F 78 -9.40 23.24 -23.06
N ILE F 79 -9.01 22.01 -22.71
CA ILE F 79 -9.33 20.83 -23.50
C ILE F 79 -10.56 20.15 -22.90
N TYR F 80 -11.54 19.88 -23.75
CA TYR F 80 -12.76 19.19 -23.35
C TYR F 80 -12.73 17.77 -23.89
N CYS F 81 -12.84 16.80 -22.99
CA CYS F 81 -12.89 15.39 -23.36
C CYS F 81 -14.30 14.87 -23.21
N SER F 82 -14.92 14.51 -24.33
CA SER F 82 -16.25 13.93 -24.33
C SER F 82 -16.19 12.49 -23.84
N ARG F 83 -17.31 11.99 -23.31
N ARG F 83 -17.31 12.01 -23.29
CA ARG F 83 -17.40 10.60 -22.90
CA ARG F 83 -17.44 10.60 -22.91
C ARG F 83 -17.88 9.76 -24.08
C ARG F 83 -17.83 9.78 -24.13
N CYS F 84 -17.36 8.54 -24.18
CA CYS F 84 -17.72 7.66 -25.29
C CYS F 84 -19.11 7.09 -25.07
N THR F 85 -19.75 6.69 -26.16
CA THR F 85 -21.10 6.13 -26.10
C THR F 85 -21.06 4.68 -25.67
N SER F 86 -22.23 4.16 -25.31
CA SER F 86 -22.40 2.74 -24.94
C SER F 86 -21.80 1.81 -25.99
N ASP F 87 -22.13 2.06 -27.26
CA ASP F 87 -21.61 1.27 -28.37
C ASP F 87 -20.09 1.38 -28.51
N GLN F 88 -19.56 2.57 -28.28
CA GLN F 88 -18.11 2.81 -28.38
C GLN F 88 -17.34 2.12 -27.25
N LEU F 89 -17.91 2.15 -26.05
CA LEU F 89 -17.31 1.47 -24.91
C LEU F 89 -17.30 -0.05 -25.13
N HIS F 90 -18.35 -0.56 -25.77
CA HIS F 90 -18.45 -1.97 -26.10
C HIS F 90 -17.38 -2.40 -27.10
N ILE F 91 -17.18 -1.58 -28.14
CA ILE F 91 -16.19 -1.86 -29.19
C ILE F 91 -14.77 -1.94 -28.62
N LEU F 92 -14.45 -1.05 -27.70
CA LEU F 92 -13.14 -1.02 -27.03
C LEU F 92 -12.93 -2.24 -26.13
N LYS F 93 -13.98 -2.61 -25.40
CA LYS F 93 -13.92 -3.78 -24.52
C LYS F 93 -13.76 -5.08 -25.31
N VAL F 94 -14.44 -5.19 -26.44
CA VAL F 94 -14.34 -6.38 -27.30
C VAL F 94 -12.92 -6.55 -27.85
N LEU F 95 -12.29 -5.45 -28.24
CA LEU F 95 -10.89 -5.48 -28.69
C LEU F 95 -9.87 -5.55 -27.54
N GLY F 96 -10.33 -5.45 -26.29
CA GLY F 96 -9.44 -5.56 -25.13
C GLY F 96 -8.62 -4.32 -24.82
N ILE F 97 -8.95 -3.19 -25.46
CA ILE F 97 -8.25 -1.93 -25.24
C ILE F 97 -8.53 -1.44 -23.82
N LEU F 98 -9.76 -1.69 -23.36
CA LEU F 98 -10.14 -1.50 -21.97
C LEU F 98 -10.60 -2.84 -21.38
N PRO F 99 -10.45 -3.02 -20.06
CA PRO F 99 -10.97 -4.22 -19.40
C PRO F 99 -12.50 -4.20 -19.26
N PHE F 100 -13.08 -5.37 -18.98
CA PHE F 100 -14.52 -5.49 -18.75
C PHE F 100 -14.97 -4.64 -17.54
N ASN F 101 -14.07 -4.44 -16.59
CA ASN F 101 -14.26 -3.49 -15.49
C ASN F 101 -14.62 -2.09 -15.96
N ALA F 102 -13.89 -1.63 -16.98
CA ALA F 102 -13.88 -0.21 -17.41
C ALA F 102 -15.22 0.48 -17.24
N PRO F 103 -15.23 1.61 -16.48
CA PRO F 103 -16.47 2.33 -16.20
C PRO F 103 -17.02 3.05 -17.43
N SER F 104 -16.18 3.87 -18.05
CA SER F 104 -16.51 4.55 -19.28
C SER F 104 -15.18 4.90 -19.94
N CYS F 105 -15.16 5.94 -20.78
CA CYS F 105 -13.92 6.33 -21.45
C CYS F 105 -14.03 7.74 -22.00
N GLY F 106 -13.10 8.60 -21.58
CA GLY F 106 -12.97 9.94 -22.13
C GLY F 106 -12.36 9.87 -23.53
N LEU F 107 -12.81 10.78 -24.39
CA LEU F 107 -12.32 10.84 -25.77
C LEU F 107 -11.73 12.22 -26.05
N ILE F 108 -10.48 12.23 -26.52
CA ILE F 108 -9.74 13.48 -26.76
C ILE F 108 -9.44 13.62 -28.24
N THR F 109 -9.61 14.83 -28.78
CA THR F 109 -9.33 15.06 -30.20
C THR F 109 -7.83 14.96 -30.45
N LEU F 110 -7.47 14.53 -31.66
CA LEU F 110 -6.06 14.38 -32.04
C LEU F 110 -5.26 15.67 -31.85
N THR F 111 -5.91 16.81 -32.09
CA THR F 111 -5.26 18.11 -31.96
C THR F 111 -5.06 18.50 -30.50
N ASP F 112 -6.03 18.21 -29.64
CA ASP F 112 -5.90 18.42 -28.21
C ASP F 112 -4.90 17.44 -27.61
N ALA F 113 -4.86 16.22 -28.15
CA ALA F 113 -3.92 15.19 -27.69
C ALA F 113 -2.47 15.63 -27.90
N GLN F 114 -2.17 16.15 -29.08
N GLN F 114 -2.17 16.15 -29.08
CA GLN F 114 -0.84 16.65 -29.42
CA GLN F 114 -0.81 16.63 -29.37
C GLN F 114 -0.44 17.82 -28.52
C GLN F 114 -0.43 17.82 -28.49
N ARG F 115 -1.39 18.72 -28.26
CA ARG F 115 -1.17 19.87 -27.38
C ARG F 115 -0.90 19.42 -25.94
N LEU F 116 -1.73 18.48 -25.46
CA LEU F 116 -1.53 17.86 -24.16
C LEU F 116 -0.13 17.27 -24.04
N CYS F 117 0.27 16.48 -25.04
CA CYS F 117 1.59 15.87 -25.08
C CYS F 117 2.71 16.90 -25.12
N ASN F 118 2.53 17.96 -25.89
CA ASN F 118 3.52 19.04 -25.94
C ASN F 118 3.67 19.73 -24.58
N ALA F 119 2.55 20.02 -23.92
CA ALA F 119 2.56 20.68 -22.61
C ALA F 119 3.32 19.87 -21.57
N LEU F 120 3.06 18.57 -21.52
CA LEU F 120 3.67 17.70 -20.51
C LEU F 120 5.09 17.24 -20.88
N LEU F 121 5.29 16.83 -22.13
CA LEU F 121 6.57 16.24 -22.56
C LEU F 121 7.61 17.28 -23.01
N ARG F 122 7.14 18.39 -23.54
CA ARG F 122 8.04 19.43 -24.09
C ARG F 122 7.61 20.82 -23.62
N PRO F 123 7.70 21.09 -22.32
CA PRO F 123 7.31 22.40 -21.80
C PRO F 123 8.27 23.48 -22.25
N ARG F 124 7.75 24.67 -22.53
CA ARG F 124 8.56 25.78 -23.03
C ARG F 124 9.46 26.33 -21.94
N THR F 125 10.56 26.95 -22.36
CA THR F 125 11.50 27.60 -21.43
C THR F 125 12.48 28.50 -22.19
N SER G 28 7.79 -7.95 15.40
CA SER G 28 7.03 -9.13 14.88
C SER G 28 5.56 -9.06 15.27
N THR G 29 4.80 -10.01 14.74
CA THR G 29 3.35 -10.08 14.95
C THR G 29 2.94 -10.94 16.17
N GLU G 30 3.82 -11.85 16.59
CA GLU G 30 3.54 -12.81 17.66
C GLU G 30 3.36 -12.16 19.03
N LEU G 31 2.14 -12.23 19.57
CA LEU G 31 1.87 -11.72 20.91
C LEU G 31 2.12 -12.79 21.97
N THR G 32 2.84 -12.41 23.02
CA THR G 32 3.16 -13.32 24.11
C THR G 32 2.95 -12.65 25.47
N GLN G 33 3.25 -13.35 26.56
CA GLN G 33 3.08 -12.82 27.91
C GLN G 33 4.33 -12.97 28.75
N THR G 34 4.56 -11.98 29.62
CA THR G 34 5.67 -12.00 30.58
C THR G 34 5.20 -11.41 31.91
N VAL G 35 5.83 -11.85 33.01
CA VAL G 35 5.38 -11.49 34.36
C VAL G 35 6.09 -10.25 34.91
N LEU G 36 5.30 -9.28 35.37
CA LEU G 36 5.81 -8.05 35.97
C LEU G 36 5.11 -7.80 37.30
N GLU G 37 5.89 -7.59 38.36
CA GLU G 37 5.35 -7.33 39.72
C GLU G 37 4.14 -8.21 40.03
N GLY G 38 4.27 -9.50 39.77
CA GLY G 38 3.18 -10.46 39.99
C GLY G 38 2.22 -10.63 38.83
N GLU G 39 1.95 -9.54 38.10
CA GLU G 39 0.94 -9.54 37.05
C GLU G 39 1.50 -10.08 35.73
N SER G 40 0.64 -10.72 34.95
CA SER G 40 1.00 -11.25 33.64
C SER G 40 0.61 -10.24 32.56
N ILE G 41 1.62 -9.64 31.92
CA ILE G 41 1.40 -8.57 30.94
C ILE G 41 1.60 -9.09 29.52
N SER G 42 0.74 -8.66 28.60
CA SER G 42 0.89 -9.02 27.20
C SER G 42 2.02 -8.20 26.60
N CYS G 43 2.84 -8.83 25.77
CA CYS G 43 4.00 -8.17 25.20
C CYS G 43 4.37 -8.71 23.82
N PHE G 44 4.96 -7.84 23.01
CA PHE G 44 5.41 -8.20 21.67
C PHE G 44 6.90 -8.51 21.68
N GLN G 45 7.27 -9.57 20.98
CA GLN G 45 8.66 -9.99 20.91
C GLN G 45 9.34 -9.45 19.66
N VAL G 46 10.37 -8.64 19.87
CA VAL G 46 11.11 -8.03 18.76
C VAL G 46 12.59 -8.40 18.86
N GLY G 47 12.87 -9.68 18.66
CA GLY G 47 14.25 -10.19 18.72
C GLY G 47 14.64 -10.46 20.16
N GLY G 48 15.41 -9.60 20.78
CA GLY G 48 15.70 -9.81 22.20
C GLY G 48 15.02 -8.86 23.18
N GLU G 49 14.14 -7.99 22.69
CA GLU G 49 13.42 -7.10 23.56
C GLU G 49 11.99 -7.54 23.74
N LYS G 50 11.54 -7.56 24.98
CA LYS G 50 10.15 -7.80 25.26
C LYS G 50 9.54 -6.43 25.43
N ARG G 51 8.56 -6.12 24.60
CA ARG G 51 7.90 -4.81 24.65
C ARG G 51 6.47 -4.95 25.17
N LEU G 52 6.26 -4.45 26.39
CA LEU G 52 5.02 -4.69 27.14
C LEU G 52 3.91 -3.71 26.78
N CYS G 53 2.67 -4.18 26.85
CA CYS G 53 1.49 -3.34 26.61
C CYS G 53 1.37 -2.30 27.72
N LEU G 54 1.61 -1.03 27.39
CA LEU G 54 1.71 0.03 28.39
C LEU G 54 0.42 0.27 29.19
N PRO G 55 -0.75 0.30 28.52
CA PRO G 55 -2.00 0.44 29.27
C PRO G 55 -2.13 -0.54 30.43
N GLN G 56 -1.72 -1.79 30.22
CA GLN G 56 -1.76 -2.80 31.29
C GLN G 56 -0.86 -2.43 32.46
N VAL G 57 0.36 -1.96 32.18
CA VAL G 57 1.30 -1.58 33.23
C VAL G 57 0.81 -0.36 34.02
N LEU G 58 0.31 0.65 33.30
CA LEU G 58 -0.17 1.87 33.96
C LEU G 58 -1.46 1.64 34.75
N ASN G 59 -2.43 0.95 34.13
CA ASN G 59 -3.76 0.78 34.74
C ASN G 59 -3.94 -0.51 35.55
N SER G 60 -2.84 -1.05 36.08
CA SER G 60 -2.90 -2.23 36.95
C SER G 60 -1.69 -2.34 37.88
N VAL G 61 -0.51 -2.54 37.30
CA VAL G 61 0.73 -2.69 38.07
C VAL G 61 1.09 -1.40 38.82
N LEU G 62 0.94 -0.27 38.12
CA LEU G 62 1.23 1.04 38.70
C LEU G 62 -0.04 1.88 38.84
N ARG G 63 -1.15 1.23 39.19
CA ARG G 63 -2.44 1.90 39.36
C ARG G 63 -2.42 2.86 40.56
N GLU G 64 -1.63 2.54 41.57
CA GLU G 64 -1.55 3.33 42.80
C GLU G 64 -0.78 4.66 42.67
N PHE G 65 -0.26 4.94 41.48
CA PHE G 65 0.45 6.19 41.20
C PHE G 65 -0.27 7.00 40.13
N THR G 66 -0.10 8.32 40.16
CA THR G 66 -0.74 9.21 39.18
C THR G 66 0.04 9.21 37.85
N LEU G 67 -0.68 9.50 36.78
CA LEU G 67 -0.09 9.53 35.42
C LEU G 67 1.07 10.51 35.31
N GLN G 68 0.92 11.67 35.95
CA GLN G 68 1.95 12.71 35.94
C GLN G 68 3.20 12.27 36.69
N GLN G 69 3.01 11.54 37.79
CA GLN G 69 4.12 11.01 38.59
C GLN G 69 4.92 9.96 37.83
N ILE G 70 4.21 9.10 37.09
CA ILE G 70 4.85 8.07 36.28
C ILE G 70 5.72 8.70 35.19
N ASN G 71 5.18 9.71 34.51
CA ASN G 71 5.92 10.43 33.46
C ASN G 71 7.06 11.27 34.00
N THR G 72 6.96 11.69 35.26
CA THR G 72 8.04 12.43 35.92
C THR G 72 9.25 11.52 36.15
N VAL G 73 8.99 10.29 36.58
CA VAL G 73 10.03 9.29 36.78
C VAL G 73 10.58 8.79 35.44
N CYS G 74 9.70 8.68 34.44
CA CYS G 74 10.13 8.26 33.10
C CYS G 74 11.13 9.24 32.47
N ASP G 75 10.88 10.54 32.64
CA ASP G 75 11.83 11.57 32.20
C ASP G 75 13.11 11.57 33.05
N GLU G 76 12.98 11.19 34.31
CA GLU G 76 14.12 11.10 35.23
C GLU G 76 15.03 9.93 34.86
N LEU G 77 14.42 8.76 34.65
CA LEU G 77 15.15 7.55 34.27
C LEU G 77 15.37 7.42 32.75
N TYR G 78 14.90 8.41 32.00
CA TYR G 78 15.04 8.45 30.53
C TYR G 78 14.35 7.28 29.83
N ILE G 79 13.14 6.97 30.29
CA ILE G 79 12.29 5.97 29.65
C ILE G 79 11.39 6.66 28.63
N TYR G 80 11.65 6.40 27.35
CA TYR G 80 10.83 6.94 26.27
C TYR G 80 10.05 5.81 25.62
N CYS G 81 8.77 5.71 25.94
CA CYS G 81 7.93 4.63 25.45
C CYS G 81 7.60 4.81 23.97
N SER G 82 7.72 3.72 23.22
CA SER G 82 7.36 3.71 21.80
C SER G 82 5.86 3.50 21.64
N ARG G 83 5.40 3.52 20.38
CA ARG G 83 4.00 3.31 20.05
C ARG G 83 3.82 2.02 19.26
N CYS G 84 2.63 1.44 19.32
CA CYS G 84 2.30 0.24 18.56
C CYS G 84 2.17 0.57 17.08
N THR G 85 2.49 -0.40 16.22
CA THR G 85 2.25 -0.27 14.79
C THR G 85 0.75 -0.49 14.54
N SER G 86 0.33 -0.31 13.28
CA SER G 86 -1.05 -0.56 12.89
C SER G 86 -1.42 -2.04 13.10
N ASP G 87 -0.48 -2.93 12.76
CA ASP G 87 -0.68 -4.36 12.94
C ASP G 87 -0.78 -4.73 14.42
N GLN G 88 0.19 -4.25 15.20
CA GLN G 88 0.29 -4.57 16.63
C GLN G 88 -0.96 -4.18 17.41
N LEU G 89 -1.44 -2.96 17.21
CA LEU G 89 -2.65 -2.48 17.88
C LEU G 89 -3.84 -3.39 17.61
N HIS G 90 -4.00 -3.74 16.34
CA HIS G 90 -5.10 -4.61 15.92
C HIS G 90 -4.98 -6.02 16.52
N ILE G 91 -3.74 -6.50 16.67
CA ILE G 91 -3.50 -7.80 17.29
C ILE G 91 -3.91 -7.80 18.77
N LEU G 92 -3.64 -6.69 19.47
CA LEU G 92 -4.03 -6.56 20.88
C LEU G 92 -5.55 -6.50 21.04
N LYS G 93 -6.25 -6.05 20.01
CA LYS G 93 -7.72 -6.04 20.01
C LYS G 93 -8.26 -7.44 19.67
N VAL G 94 -7.77 -8.01 18.57
CA VAL G 94 -8.25 -9.32 18.10
C VAL G 94 -8.03 -10.42 19.15
N LEU G 95 -6.90 -10.36 19.86
CA LEU G 95 -6.59 -11.30 20.95
C LEU G 95 -7.12 -10.82 22.31
N GLY G 96 -8.00 -9.83 22.28
CA GLY G 96 -8.83 -9.46 23.44
C GLY G 96 -8.18 -8.68 24.57
N ILE G 97 -7.00 -8.13 24.34
CA ILE G 97 -6.29 -7.38 25.38
C ILE G 97 -6.82 -5.95 25.48
N LEU G 98 -6.89 -5.27 24.34
CA LEU G 98 -7.36 -3.89 24.28
C LEU G 98 -8.78 -3.82 23.73
N PRO G 99 -9.53 -2.77 24.13
CA PRO G 99 -10.84 -2.55 23.53
C PRO G 99 -10.72 -2.10 22.07
N PHE G 100 -11.69 -2.47 21.25
CA PHE G 100 -11.61 -2.20 19.81
C PHE G 100 -11.67 -0.71 19.43
N ASN G 101 -12.17 0.14 20.34
CA ASN G 101 -12.16 1.59 20.10
C ASN G 101 -10.77 2.21 20.23
N ALA G 102 -9.90 1.57 21.01
CA ALA G 102 -8.56 2.10 21.31
C ALA G 102 -7.86 2.64 20.06
N PRO G 103 -7.65 3.97 19.98
CA PRO G 103 -7.05 4.57 18.80
C PRO G 103 -5.56 4.28 18.66
N SER G 104 -4.89 4.07 19.80
CA SER G 104 -3.47 3.78 19.81
C SER G 104 -3.09 3.06 21.10
N CYS G 105 -1.84 2.60 21.17
CA CYS G 105 -1.33 1.90 22.34
C CYS G 105 0.17 2.06 22.44
N GLY G 106 0.66 2.34 23.64
CA GLY G 106 2.09 2.51 23.88
C GLY G 106 2.77 1.23 24.29
N LEU G 107 4.10 1.19 24.15
CA LEU G 107 4.89 0.04 24.56
C LEU G 107 6.11 0.47 25.37
N ILE G 108 6.45 -0.34 26.38
CA ILE G 108 7.63 -0.12 27.21
C ILE G 108 8.39 -1.44 27.29
N THR G 109 9.71 -1.38 27.19
CA THR G 109 10.52 -2.61 27.23
C THR G 109 10.49 -3.21 28.63
N LEU G 110 10.50 -4.54 28.70
CA LEU G 110 10.52 -5.28 29.97
C LEU G 110 11.62 -4.76 30.89
N THR G 111 12.77 -4.44 30.30
CA THR G 111 13.92 -3.94 31.05
C THR G 111 13.66 -2.54 31.63
N ASP G 112 13.13 -1.64 30.81
CA ASP G 112 12.79 -0.28 31.26
C ASP G 112 11.56 -0.28 32.20
N ALA G 113 10.65 -1.20 31.96
CA ALA G 113 9.46 -1.36 32.80
C ALA G 113 9.83 -1.74 34.23
N GLN G 114 10.82 -2.61 34.36
CA GLN G 114 11.29 -3.05 35.68
C GLN G 114 12.04 -1.94 36.42
N ARG G 115 12.77 -1.09 35.70
CA ARG G 115 13.43 0.08 36.31
C ARG G 115 12.40 1.06 36.86
N LEU G 116 11.32 1.27 36.10
CA LEU G 116 10.26 2.18 36.51
C LEU G 116 9.54 1.67 37.76
N CYS G 117 9.28 0.36 37.79
CA CYS G 117 8.63 -0.26 38.95
C CYS G 117 9.53 -0.19 40.18
N ASN G 118 10.81 -0.47 40.00
CA ASN G 118 11.79 -0.36 41.09
C ASN G 118 11.76 1.03 41.74
N ALA G 119 11.87 2.06 40.91
CA ALA G 119 11.89 3.45 41.37
C ALA G 119 10.60 3.84 42.10
N LEU G 120 9.46 3.45 41.54
CA LEU G 120 8.15 3.86 42.07
C LEU G 120 7.68 3.05 43.29
N LEU G 121 8.05 1.77 43.37
CA LEU G 121 7.56 0.87 44.41
C LEU G 121 8.51 0.71 45.60
N ARG G 122 9.81 0.65 45.34
CA ARG G 122 10.79 0.47 46.41
C ARG G 122 11.23 1.82 46.99
N THR H 29 -23.03 -40.74 9.32
CA THR H 29 -22.57 -42.12 9.68
C THR H 29 -21.10 -42.37 9.32
N GLU H 30 -20.44 -41.39 8.70
CA GLU H 30 -19.05 -41.54 8.28
C GLU H 30 -18.24 -40.25 8.36
N LEU H 31 -16.92 -40.45 8.51
CA LEU H 31 -15.96 -39.37 8.69
C LEU H 31 -15.15 -39.18 7.42
N THR H 32 -15.15 -37.95 6.91
CA THR H 32 -14.41 -37.60 5.70
C THR H 32 -13.21 -36.73 6.07
N GLN H 33 -12.53 -36.18 5.07
CA GLN H 33 -11.41 -35.27 5.30
C GLN H 33 -11.55 -33.99 4.48
N THR H 34 -10.73 -32.99 4.83
CA THR H 34 -10.68 -31.72 4.10
C THR H 34 -9.38 -31.00 4.42
N VAL H 35 -9.13 -29.91 3.71
CA VAL H 35 -7.85 -29.20 3.83
C VAL H 35 -8.04 -27.78 4.39
N LEU H 36 -7.17 -27.41 5.33
CA LEU H 36 -7.17 -26.09 5.94
C LEU H 36 -5.73 -25.65 6.17
N GLU H 37 -5.34 -24.57 5.49
CA GLU H 37 -3.94 -24.10 5.48
C GLU H 37 -2.97 -25.20 5.01
N GLY H 38 -3.33 -25.83 3.90
CA GLY H 38 -2.54 -26.90 3.29
C GLY H 38 -2.42 -28.16 4.14
N GLU H 39 -3.22 -28.23 5.19
CA GLU H 39 -3.08 -29.27 6.21
C GLU H 39 -4.38 -30.04 6.37
N SER H 40 -4.28 -31.36 6.44
CA SER H 40 -5.42 -32.24 6.40
C SER H 40 -6.09 -32.32 7.76
N ILE H 41 -7.41 -32.13 7.78
CA ILE H 41 -8.18 -32.11 9.02
C ILE H 41 -9.41 -33.02 8.87
N SER H 42 -9.72 -33.78 9.92
CA SER H 42 -10.89 -34.65 9.94
C SER H 42 -12.16 -33.83 10.03
N CYS H 43 -13.20 -34.25 9.31
CA CYS H 43 -14.47 -33.54 9.33
C CYS H 43 -15.67 -34.44 9.09
N PHE H 44 -16.77 -34.12 9.76
CA PHE H 44 -18.06 -34.78 9.55
C PHE H 44 -18.90 -33.97 8.60
N GLN H 45 -19.52 -34.62 7.62
CA GLN H 45 -20.49 -33.98 6.75
C GLN H 45 -21.81 -33.89 7.50
N VAL H 46 -22.32 -32.67 7.65
CA VAL H 46 -23.60 -32.44 8.33
C VAL H 46 -24.42 -31.38 7.60
N GLY H 47 -25.21 -31.84 6.63
CA GLY H 47 -26.14 -30.98 5.92
C GLY H 47 -25.50 -29.96 5.01
N GLY H 48 -24.67 -30.44 4.08
CA GLY H 48 -24.06 -29.58 3.07
C GLY H 48 -22.89 -28.75 3.58
N GLU H 49 -22.54 -28.95 4.85
CA GLU H 49 -21.38 -28.28 5.44
C GLU H 49 -20.43 -29.33 6.01
N LYS H 50 -19.14 -29.11 5.83
CA LYS H 50 -18.13 -29.94 6.47
C LYS H 50 -17.86 -29.36 7.85
N ARG H 51 -18.00 -30.19 8.88
CA ARG H 51 -17.75 -29.78 10.26
C ARG H 51 -16.39 -30.31 10.75
N LEU H 52 -15.43 -29.41 10.88
CA LEU H 52 -14.05 -29.78 11.21
C LEU H 52 -13.86 -30.04 12.70
N CYS H 53 -13.04 -31.04 13.01
CA CYS H 53 -12.70 -31.41 14.39
C CYS H 53 -11.83 -30.32 15.04
N LEU H 54 -12.42 -29.54 15.95
CA LEU H 54 -11.79 -28.31 16.46
C LEU H 54 -10.44 -28.53 17.15
N PRO H 55 -10.33 -29.55 18.02
CA PRO H 55 -9.01 -29.85 18.60
C PRO H 55 -7.92 -30.06 17.53
N GLN H 56 -8.28 -30.74 16.44
CA GLN H 56 -7.33 -31.05 15.37
C GLN H 56 -7.02 -29.80 14.53
N VAL H 57 -7.90 -28.80 14.59
CA VAL H 57 -7.63 -27.49 14.01
C VAL H 57 -6.70 -26.70 14.94
N LEU H 58 -7.01 -26.72 16.24
CA LEU H 58 -6.23 -26.01 17.25
C LEU H 58 -4.80 -26.53 17.44
N ASN H 59 -4.50 -27.71 16.89
CA ASN H 59 -3.15 -28.31 17.01
C ASN H 59 -2.37 -28.36 15.70
N SER H 60 -3.05 -28.59 14.58
CA SER H 60 -2.39 -28.70 13.27
C SER H 60 -2.33 -27.38 12.50
N VAL H 61 -3.01 -26.34 13.01
CA VAL H 61 -3.02 -25.05 12.33
C VAL H 61 -2.80 -23.86 13.29
N LEU H 62 -3.65 -23.76 14.31
CA LEU H 62 -3.57 -22.63 15.27
C LEU H 62 -2.89 -23.03 16.58
N ARG H 63 -1.77 -23.75 16.45
CA ARG H 63 -0.98 -24.21 17.60
C ARG H 63 -0.50 -23.06 18.47
N GLU H 64 -0.12 -21.95 17.83
CA GLU H 64 0.47 -20.80 18.53
C GLU H 64 -0.52 -20.06 19.42
N PHE H 65 -1.82 -20.25 19.19
CA PHE H 65 -2.86 -19.56 19.96
C PHE H 65 -3.47 -20.45 21.04
N THR H 66 -3.77 -19.85 22.18
CA THR H 66 -4.37 -20.57 23.32
C THR H 66 -5.86 -20.78 23.08
N LEU H 67 -6.45 -21.72 23.82
CA LEU H 67 -7.87 -22.06 23.65
C LEU H 67 -8.78 -20.87 23.98
N GLN H 68 -8.44 -20.14 25.05
CA GLN H 68 -9.14 -18.91 25.43
C GLN H 68 -9.12 -17.89 24.29
N GLN H 69 -7.96 -17.75 23.65
CA GLN H 69 -7.81 -16.82 22.53
C GLN H 69 -8.68 -17.22 21.34
N ILE H 70 -8.68 -18.51 20.99
CA ILE H 70 -9.48 -18.99 19.86
C ILE H 70 -10.96 -18.77 20.12
N ASN H 71 -11.40 -19.03 21.35
CA ASN H 71 -12.79 -18.80 21.74
C ASN H 71 -13.17 -17.33 21.63
N THR H 72 -12.22 -16.45 21.95
CA THR H 72 -12.44 -15.01 21.87
C THR H 72 -12.65 -14.57 20.42
N VAL H 73 -11.69 -14.91 19.55
CA VAL H 73 -11.79 -14.57 18.14
C VAL H 73 -13.12 -15.11 17.57
N CYS H 74 -13.43 -16.37 17.88
CA CYS H 74 -14.68 -16.97 17.44
C CYS H 74 -15.89 -16.12 17.83
N ASP H 75 -15.85 -15.57 19.05
CA ASP H 75 -16.90 -14.68 19.53
C ASP H 75 -16.95 -13.40 18.71
N GLU H 76 -15.81 -12.72 18.59
CA GLU H 76 -15.67 -11.51 17.77
C GLU H 76 -16.18 -11.73 16.35
N LEU H 77 -15.92 -12.93 15.81
CA LEU H 77 -16.30 -13.29 14.44
C LEU H 77 -17.73 -13.81 14.30
N TYR H 78 -18.46 -13.89 15.42
CA TYR H 78 -19.81 -14.46 15.45
C TYR H 78 -19.82 -15.90 14.91
N ILE H 79 -18.80 -16.67 15.30
CA ILE H 79 -18.69 -18.07 14.95
C ILE H 79 -19.28 -18.93 16.06
N TYR H 80 -20.16 -19.86 15.69
CA TYR H 80 -20.74 -20.82 16.64
C TYR H 80 -20.10 -22.18 16.40
N CYS H 81 -19.38 -22.67 17.41
CA CYS H 81 -18.80 -24.01 17.35
C CYS H 81 -19.78 -25.01 17.95
N SER H 82 -20.17 -26.00 17.16
CA SER H 82 -21.09 -27.04 17.62
C SER H 82 -20.33 -28.09 18.43
N ARG H 83 -21.08 -29.03 19.01
CA ARG H 83 -20.51 -30.07 19.85
C ARG H 83 -20.78 -31.44 19.22
N CYS H 84 -19.77 -32.29 19.16
CA CYS H 84 -19.92 -33.64 18.60
C CYS H 84 -21.10 -34.36 19.22
N THR H 85 -21.81 -35.15 18.40
CA THR H 85 -22.81 -36.08 18.91
C THR H 85 -22.10 -37.25 19.59
N SER H 86 -22.87 -38.12 20.22
CA SER H 86 -22.32 -39.30 20.88
C SER H 86 -21.63 -40.21 19.84
N ASP H 87 -22.32 -40.44 18.72
CA ASP H 87 -21.75 -41.23 17.62
C ASP H 87 -20.46 -40.64 17.09
N GLN H 88 -20.47 -39.33 16.89
CA GLN H 88 -19.30 -38.62 16.38
C GLN H 88 -18.13 -38.71 17.35
N LEU H 89 -18.40 -38.51 18.65
CA LEU H 89 -17.38 -38.64 19.69
C LEU H 89 -16.83 -40.06 19.77
N HIS H 90 -17.67 -41.06 19.54
CA HIS H 90 -17.25 -42.46 19.57
C HIS H 90 -16.33 -42.78 18.40
N ILE H 91 -16.75 -42.40 17.19
CA ILE H 91 -15.97 -42.66 15.97
C ILE H 91 -14.56 -42.08 16.05
N LEU H 92 -14.45 -40.85 16.55
CA LEU H 92 -13.14 -40.19 16.71
C LEU H 92 -12.24 -40.94 17.69
N LYS H 93 -12.82 -41.44 18.78
CA LYS H 93 -12.06 -42.23 19.74
C LYS H 93 -11.55 -43.55 19.15
N VAL H 94 -12.43 -44.26 18.44
CA VAL H 94 -12.07 -45.54 17.82
C VAL H 94 -10.91 -45.39 16.84
N LEU H 95 -10.98 -44.34 16.01
CA LEU H 95 -9.93 -44.04 15.03
C LEU H 95 -8.65 -43.47 15.66
N GLY H 96 -8.70 -43.16 16.95
CA GLY H 96 -7.53 -42.64 17.67
C GLY H 96 -7.29 -41.16 17.47
N ILE H 97 -8.27 -40.47 16.88
CA ILE H 97 -8.18 -39.04 16.64
C ILE H 97 -8.21 -38.30 17.98
N LEU H 98 -9.11 -38.73 18.87
CA LEU H 98 -9.16 -38.22 20.24
C LEU H 98 -8.80 -39.34 21.20
N PRO H 99 -8.19 -38.99 22.35
CA PRO H 99 -7.91 -40.01 23.35
C PRO H 99 -9.21 -40.53 23.97
N PHE H 100 -9.15 -41.73 24.54
CA PHE H 100 -10.32 -42.35 25.15
C PHE H 100 -10.91 -41.50 26.29
N ASN H 101 -10.06 -40.67 26.90
CA ASN H 101 -10.48 -39.74 27.97
C ASN H 101 -11.29 -38.53 27.49
N ALA H 102 -11.23 -38.24 26.19
CA ALA H 102 -11.90 -37.06 25.62
C ALA H 102 -13.37 -36.96 26.11
N PRO H 103 -13.67 -35.92 26.91
CA PRO H 103 -15.03 -35.78 27.48
C PRO H 103 -16.05 -35.29 26.45
N SER H 104 -15.58 -34.53 25.47
CA SER H 104 -16.42 -34.01 24.40
CA SER H 104 -16.41 -34.04 24.38
C SER H 104 -15.52 -33.59 23.23
N CYS H 105 -16.12 -33.02 22.19
CA CYS H 105 -15.34 -32.50 21.07
C CYS H 105 -16.11 -31.44 20.29
N GLY H 106 -15.56 -30.24 20.25
CA GLY H 106 -16.14 -29.13 19.50
C GLY H 106 -15.97 -29.30 18.00
N LEU H 107 -16.92 -28.76 17.24
CA LEU H 107 -16.89 -28.79 15.78
C LEU H 107 -17.04 -27.38 15.21
N ILE H 108 -16.39 -27.14 14.07
CA ILE H 108 -16.40 -25.84 13.41
C ILE H 108 -16.53 -26.04 11.90
N THR H 109 -17.39 -25.24 11.26
CA THR H 109 -17.60 -25.37 9.82
C THR H 109 -16.35 -24.92 9.07
N LEU H 110 -16.16 -25.45 7.86
CA LEU H 110 -15.01 -25.09 7.03
C LEU H 110 -14.98 -23.59 6.75
N THR H 111 -16.14 -23.04 6.41
CA THR H 111 -16.26 -21.61 6.10
CA THR H 111 -16.26 -21.61 6.10
C THR H 111 -15.91 -20.74 7.32
N ASP H 112 -16.34 -21.17 8.51
CA ASP H 112 -15.98 -20.45 9.74
C ASP H 112 -14.50 -20.66 10.07
N ALA H 113 -14.01 -21.88 9.87
CA ALA H 113 -12.60 -22.19 10.12
C ALA H 113 -11.68 -21.30 9.27
N GLN H 114 -12.04 -21.13 8.00
CA GLN H 114 -11.31 -20.23 7.11
C GLN H 114 -11.34 -18.78 7.58
N ARG H 115 -12.50 -18.33 8.10
CA ARG H 115 -12.62 -17.00 8.69
C ARG H 115 -11.68 -16.83 9.88
N LEU H 116 -11.63 -17.83 10.74
CA LEU H 116 -10.78 -17.79 11.92
C LEU H 116 -9.31 -17.72 11.51
N CYS H 117 -8.94 -18.58 10.58
CA CYS H 117 -7.57 -18.61 10.04
C CYS H 117 -7.22 -17.32 9.30
N ASN H 118 -8.15 -16.81 8.52
CA ASN H 118 -7.97 -15.52 7.84
C ASN H 118 -7.82 -14.36 8.82
N ALA H 119 -8.56 -14.43 9.93
CA ALA H 119 -8.55 -13.36 10.93
C ALA H 119 -7.24 -13.31 11.71
N LEU H 120 -6.71 -14.48 12.05
CA LEU H 120 -5.50 -14.57 12.88
C LEU H 120 -4.22 -14.50 12.05
N LEU H 121 -4.20 -15.18 10.91
CA LEU H 121 -3.00 -15.27 10.07
C LEU H 121 -2.87 -14.13 9.05
N ARG H 122 -4.00 -13.55 8.64
CA ARG H 122 -4.02 -12.55 7.57
C ARG H 122 -4.91 -11.33 7.90
N PRO H 123 -4.53 -10.56 8.93
CA PRO H 123 -5.30 -9.37 9.31
C PRO H 123 -5.40 -8.30 8.23
N ARG H 124 -6.19 -7.26 8.52
CA ARG H 124 -6.57 -6.22 7.56
C ARG H 124 -6.93 -6.78 6.18
N LEU I 31 28.09 8.04 13.42
CA LEU I 31 27.59 7.52 12.12
C LEU I 31 28.60 7.80 10.99
N THR I 32 29.47 6.83 10.73
CA THR I 32 30.46 6.94 9.66
C THR I 32 29.78 6.82 8.30
N GLN I 33 30.44 7.35 7.27
CA GLN I 33 29.89 7.36 5.90
C GLN I 33 30.72 6.50 4.96
N THR I 34 30.05 5.64 4.21
CA THR I 34 30.70 4.85 3.17
C THR I 34 29.97 5.05 1.84
N VAL I 35 30.74 5.19 0.76
CA VAL I 35 30.18 5.43 -0.55
C VAL I 35 29.83 4.11 -1.23
N LEU I 36 28.57 3.98 -1.64
CA LEU I 36 28.09 2.83 -2.40
C LEU I 36 27.44 3.33 -3.67
N GLU I 37 27.95 2.89 -4.81
CA GLU I 37 27.42 3.27 -6.13
C GLU I 37 27.34 4.79 -6.31
N GLY I 38 28.43 5.48 -5.97
CA GLY I 38 28.51 6.94 -6.07
C GLY I 38 27.55 7.67 -5.14
N GLU I 39 27.21 7.03 -4.02
CA GLU I 39 26.21 7.56 -3.10
C GLU I 39 26.63 7.28 -1.66
N SER I 40 26.60 8.32 -0.83
CA SER I 40 27.02 8.19 0.57
C SER I 40 25.95 7.54 1.44
N ILE I 41 26.32 6.42 2.08
CA ILE I 41 25.40 5.66 2.94
C ILE I 41 25.92 5.61 4.38
N SER I 42 25.01 5.77 5.33
CA SER I 42 25.34 5.70 6.76
C SER I 42 25.53 4.26 7.19
N CYS I 43 26.51 4.03 8.06
CA CYS I 43 26.81 2.68 8.52
C CYS I 43 27.37 2.65 9.94
N PHE I 44 27.18 1.51 10.60
CA PHE I 44 27.70 1.25 11.94
C PHE I 44 28.85 0.24 11.84
N GLN I 45 29.52 0.02 12.97
CA GLN I 45 30.61 -0.95 13.06
C GLN I 45 30.17 -2.18 13.83
N VAL I 46 30.40 -3.36 13.25
CA VAL I 46 30.14 -4.64 13.92
C VAL I 46 31.25 -5.63 13.60
N GLY I 47 32.11 -5.88 14.57
CA GLY I 47 33.22 -6.84 14.44
C GLY I 47 34.20 -6.50 13.33
N GLY I 48 34.52 -5.22 13.20
CA GLY I 48 35.44 -4.74 12.17
C GLY I 48 34.87 -4.83 10.77
N GLU I 49 33.59 -4.50 10.64
CA GLU I 49 32.89 -4.54 9.35
C GLU I 49 31.95 -3.34 9.25
N LYS I 50 32.04 -2.60 8.15
CA LYS I 50 31.06 -1.55 7.88
C LYS I 50 29.75 -2.23 7.53
N ARG I 51 28.72 -1.96 8.32
CA ARG I 51 27.38 -2.48 8.07
C ARG I 51 26.44 -1.33 7.72
N LEU I 52 25.87 -1.37 6.52
CA LEU I 52 25.12 -0.26 5.95
C LEU I 52 23.62 -0.33 6.24
N CYS I 53 23.01 0.83 6.42
CA CYS I 53 21.56 0.92 6.53
C CYS I 53 20.93 0.42 5.24
N LEU I 54 20.23 -0.71 5.32
CA LEU I 54 19.68 -1.36 4.12
C LEU I 54 18.55 -0.55 3.46
N PRO I 55 17.64 0.04 4.26
CA PRO I 55 16.61 0.91 3.65
C PRO I 55 17.17 2.15 2.96
N GLN I 56 18.29 2.67 3.44
CA GLN I 56 18.96 3.80 2.80
C GLN I 56 19.56 3.38 1.46
N VAL I 57 20.06 2.15 1.40
CA VAL I 57 20.50 1.55 0.12
C VAL I 57 19.32 1.43 -0.83
N LEU I 58 18.16 1.03 -0.31
CA LEU I 58 16.90 0.96 -1.07
C LEU I 58 16.48 2.28 -1.72
N ASN I 59 16.43 3.33 -0.91
CA ASN I 59 15.91 4.63 -1.36
C ASN I 59 16.91 5.49 -2.13
N SER I 60 18.19 5.12 -2.10
CA SER I 60 19.26 5.90 -2.74
C SER I 60 19.82 5.23 -4.00
N VAL I 61 20.16 3.94 -3.88
CA VAL I 61 20.86 3.23 -4.95
C VAL I 61 19.97 2.25 -5.71
N LEU I 62 19.25 1.40 -4.98
CA LEU I 62 18.37 0.39 -5.58
C LEU I 62 16.94 0.91 -5.63
N ARG I 63 16.80 2.09 -6.22
CA ARG I 63 15.57 2.88 -6.16
C ARG I 63 14.43 2.30 -7.01
N GLU I 64 14.76 1.51 -8.02
CA GLU I 64 13.75 0.90 -8.91
C GLU I 64 13.16 -0.42 -8.36
N PHE I 65 13.53 -0.80 -7.14
CA PHE I 65 13.07 -2.06 -6.54
C PHE I 65 12.38 -1.86 -5.19
N THR I 66 11.54 -2.82 -4.83
CA THR I 66 10.89 -2.82 -3.52
C THR I 66 11.78 -3.52 -2.51
N LEU I 67 11.47 -3.33 -1.23
CA LEU I 67 12.21 -3.95 -0.14
C LEU I 67 12.12 -5.47 -0.21
N GLN I 68 10.92 -5.98 -0.46
CA GLN I 68 10.71 -7.43 -0.52
C GLN I 68 11.50 -8.07 -1.65
N GLN I 69 11.63 -7.37 -2.77
CA GLN I 69 12.47 -7.84 -3.87
C GLN I 69 13.93 -7.92 -3.44
N ILE I 70 14.39 -6.88 -2.74
CA ILE I 70 15.75 -6.84 -2.20
C ILE I 70 16.01 -7.97 -1.21
N ASN I 71 15.04 -8.26 -0.35
CA ASN I 71 15.17 -9.36 0.63
C ASN I 71 15.27 -10.71 -0.06
N THR I 72 14.54 -10.86 -1.16
CA THR I 72 14.53 -12.10 -1.93
C THR I 72 15.86 -12.32 -2.65
N VAL I 73 16.38 -11.27 -3.29
CA VAL I 73 17.69 -11.33 -3.94
C VAL I 73 18.80 -11.59 -2.91
N CYS I 74 18.68 -10.99 -1.73
CA CYS I 74 19.61 -11.26 -0.64
C CYS I 74 19.63 -12.74 -0.25
N ASP I 75 18.46 -13.37 -0.26
CA ASP I 75 18.33 -14.80 0.01
C ASP I 75 19.04 -15.62 -1.09
N GLU I 76 18.83 -15.25 -2.35
CA GLU I 76 19.47 -15.91 -3.48
C GLU I 76 21.01 -15.78 -3.42
N LEU I 77 21.49 -14.63 -2.95
CA LEU I 77 22.92 -14.35 -2.85
C LEU I 77 23.55 -14.84 -1.53
N TYR I 78 22.79 -15.57 -0.72
CA TYR I 78 23.24 -16.05 0.60
C TYR I 78 23.73 -14.89 1.49
N ILE I 79 23.00 -13.78 1.46
CA ILE I 79 23.37 -12.58 2.20
C ILE I 79 22.58 -12.51 3.50
N TYR I 80 23.27 -12.37 4.63
CA TYR I 80 22.64 -12.25 5.95
C TYR I 80 22.67 -10.81 6.47
N CYS I 81 21.51 -10.20 6.59
CA CYS I 81 21.40 -8.84 7.12
C CYS I 81 21.04 -8.90 8.61
N SER I 82 21.91 -8.35 9.46
CA SER I 82 21.68 -8.35 10.89
C SER I 82 20.73 -7.22 11.28
N ARG I 83 19.90 -7.45 12.29
CA ARG I 83 18.93 -6.44 12.71
C ARG I 83 19.64 -5.36 13.52
N CYS I 84 19.22 -4.12 13.34
CA CYS I 84 19.83 -3.01 14.06
C CYS I 84 19.33 -3.03 15.50
N THR I 85 20.19 -2.67 16.45
CA THR I 85 19.82 -2.64 17.86
C THR I 85 18.93 -1.46 18.19
N SER I 86 18.21 -1.55 19.30
CA SER I 86 17.32 -0.48 19.75
C SER I 86 18.02 0.89 19.80
N ASP I 87 19.29 0.88 20.21
CA ASP I 87 20.14 2.08 20.19
C ASP I 87 20.50 2.52 18.77
N GLN I 88 20.89 1.57 17.92
CA GLN I 88 21.22 1.91 16.54
C GLN I 88 20.03 2.54 15.80
N LEU I 89 18.82 2.04 16.10
CA LEU I 89 17.60 2.52 15.46
C LEU I 89 17.31 3.95 15.83
N HIS I 90 17.58 4.29 17.10
CA HIS I 90 17.34 5.64 17.61
C HIS I 90 18.21 6.68 16.90
N ILE I 91 19.49 6.36 16.72
CA ILE I 91 20.43 7.23 16.03
C ILE I 91 19.93 7.55 14.62
N LEU I 92 19.53 6.51 13.88
CA LEU I 92 19.01 6.68 12.52
C LEU I 92 17.74 7.52 12.49
N LYS I 93 16.89 7.36 13.50
CA LYS I 93 15.66 8.16 13.60
C LYS I 93 15.97 9.65 13.85
N VAL I 94 16.91 9.90 14.76
CA VAL I 94 17.31 11.27 15.14
C VAL I 94 17.98 12.01 13.98
N LEU I 95 18.77 11.28 13.18
CA LEU I 95 19.46 11.86 12.01
C LEU I 95 18.57 11.96 10.77
N GLY I 96 17.35 11.44 10.87
CA GLY I 96 16.37 11.54 9.79
C GLY I 96 16.50 10.47 8.72
N ILE I 97 17.47 9.58 8.86
CA ILE I 97 17.74 8.54 7.85
C ILE I 97 16.54 7.60 7.76
N LEU I 98 15.99 7.24 8.91
CA LEU I 98 14.72 6.53 8.97
C LEU I 98 13.68 7.45 9.60
N PRO I 99 12.40 7.26 9.23
CA PRO I 99 11.35 8.01 9.92
C PRO I 99 11.17 7.49 11.34
N PHE I 100 10.54 8.29 12.20
CA PHE I 100 10.27 7.88 13.58
C PHE I 100 9.40 6.64 13.65
N ASN I 101 8.69 6.37 12.55
CA ASN I 101 7.74 5.27 12.47
CA ASN I 101 7.74 5.26 12.50
C ASN I 101 8.42 3.90 12.29
N ALA I 102 9.62 3.92 11.70
CA ALA I 102 10.39 2.70 11.37
C ALA I 102 10.24 1.55 12.38
N PRO I 103 9.84 0.36 11.89
CA PRO I 103 9.64 -0.80 12.77
C PRO I 103 10.96 -1.38 13.27
N SER I 104 11.94 -1.45 12.38
CA SER I 104 13.30 -1.86 12.69
C SER I 104 14.11 -1.62 11.43
N CYS I 105 15.25 -2.27 11.29
CA CYS I 105 16.13 -1.97 10.18
C CYS I 105 17.21 -3.04 9.99
N GLY I 106 17.35 -3.53 8.76
CA GLY I 106 18.38 -4.50 8.44
C GLY I 106 19.70 -3.80 8.18
N LEU I 107 20.81 -4.47 8.50
CA LEU I 107 22.13 -3.92 8.28
C LEU I 107 22.96 -4.88 7.42
N ILE I 108 23.40 -4.39 6.26
CA ILE I 108 24.10 -5.21 5.27
C ILE I 108 25.56 -4.76 5.14
N THR I 109 26.48 -5.70 5.05
CA THR I 109 27.91 -5.37 4.94
C THR I 109 28.19 -4.74 3.57
N LEU I 110 29.28 -4.00 3.47
CA LEU I 110 29.61 -3.29 2.25
C LEU I 110 29.78 -4.31 1.12
N THR I 111 30.61 -5.32 1.36
CA THR I 111 30.85 -6.37 0.38
C THR I 111 29.55 -7.02 -0.09
N ASP I 112 28.68 -7.39 0.85
CA ASP I 112 27.36 -7.95 0.49
C ASP I 112 26.50 -6.92 -0.26
N ALA I 113 26.60 -5.65 0.14
CA ALA I 113 25.87 -4.57 -0.54
C ALA I 113 26.33 -4.42 -1.98
N GLN I 114 27.64 -4.51 -2.21
CA GLN I 114 28.18 -4.40 -3.56
CA GLN I 114 28.22 -4.41 -3.54
C GLN I 114 27.74 -5.57 -4.42
N ARG I 115 27.62 -6.75 -3.81
CA ARG I 115 27.17 -7.96 -4.52
CA ARG I 115 27.18 -7.95 -4.53
C ARG I 115 25.70 -7.82 -4.90
N LEU I 116 24.89 -7.36 -3.94
CA LEU I 116 23.47 -7.08 -4.19
C LEU I 116 23.31 -6.15 -5.37
N CYS I 117 24.05 -5.04 -5.35
CA CYS I 117 23.99 -4.05 -6.41
C CYS I 117 24.43 -4.63 -7.76
N ASN I 118 25.54 -5.36 -7.77
CA ASN I 118 26.01 -6.00 -9.00
C ASN I 118 24.99 -6.97 -9.59
N ALA I 119 24.31 -7.72 -8.71
CA ALA I 119 23.33 -8.73 -9.14
C ALA I 119 22.02 -8.13 -9.66
N LEU I 120 21.70 -6.90 -9.24
CA LEU I 120 20.48 -6.24 -9.69
C LEU I 120 20.75 -5.25 -10.82
N LEU I 121 21.86 -4.53 -10.71
CA LEU I 121 22.19 -3.46 -11.68
C LEU I 121 23.09 -3.92 -12.85
N ARG I 122 23.76 -5.06 -12.71
CA ARG I 122 24.69 -5.55 -13.74
C ARG I 122 24.65 -7.07 -13.89
N PRO I 123 23.47 -7.63 -14.24
CA PRO I 123 23.39 -9.07 -14.46
C PRO I 123 24.28 -9.50 -15.63
N ARG I 124 24.86 -10.69 -15.49
CA ARG I 124 25.70 -11.27 -16.54
C ARG I 124 24.77 -11.85 -17.59
N GLU J 30 52.94 -22.96 -11.83
CA GLU J 30 52.47 -22.46 -10.50
C GLU J 30 51.22 -23.23 -10.10
N LEU J 31 51.25 -23.81 -8.90
CA LEU J 31 50.13 -24.62 -8.40
C LEU J 31 50.29 -24.87 -6.90
N THR J 32 49.20 -24.73 -6.16
CA THR J 32 49.17 -25.07 -4.74
C THR J 32 47.86 -25.78 -4.41
N GLN J 33 47.77 -26.25 -3.16
CA GLN J 33 46.55 -26.83 -2.63
C GLN J 33 45.93 -25.88 -1.61
N THR J 34 44.61 -25.90 -1.51
CA THR J 34 43.90 -25.21 -0.45
C THR J 34 42.77 -26.09 0.06
N VAL J 35 42.52 -26.03 1.37
CA VAL J 35 41.50 -26.87 2.00
C VAL J 35 40.11 -26.23 1.93
N LEU J 36 39.16 -27.01 1.43
CA LEU J 36 37.77 -26.60 1.31
C LEU J 36 36.89 -27.73 1.82
N GLU J 37 36.13 -27.46 2.88
CA GLU J 37 35.22 -28.46 3.48
C GLU J 37 35.93 -29.77 3.81
N GLY J 38 37.12 -29.65 4.39
CA GLY J 38 37.91 -30.81 4.80
C GLY J 38 38.64 -31.55 3.69
N GLU J 39 38.55 -31.03 2.47
CA GLU J 39 39.19 -31.66 1.31
C GLU J 39 40.24 -30.73 0.72
N SER J 40 41.36 -31.33 0.31
CA SER J 40 42.44 -30.60 -0.33
C SER J 40 42.12 -30.44 -1.81
N ILE J 41 42.00 -29.19 -2.26
CA ILE J 41 41.64 -28.88 -3.64
C ILE J 41 42.77 -28.15 -4.32
N SER J 42 43.14 -28.60 -5.51
CA SER J 42 44.18 -27.96 -6.31
C SER J 42 43.69 -26.59 -6.76
N CYS J 43 44.57 -25.60 -6.69
CA CYS J 43 44.20 -24.23 -7.03
C CYS J 43 45.37 -23.42 -7.56
N PHE J 44 45.05 -22.38 -8.31
CA PHE J 44 46.05 -21.47 -8.89
C PHE J 44 45.98 -20.10 -8.20
N GLN J 45 47.13 -19.63 -7.72
CA GLN J 45 47.21 -18.30 -7.09
C GLN J 45 47.29 -17.24 -8.18
N VAL J 46 46.14 -16.70 -8.56
CA VAL J 46 46.05 -15.77 -9.68
C VAL J 46 45.55 -14.40 -9.21
N GLY J 47 46.47 -13.46 -9.09
CA GLY J 47 46.15 -12.06 -8.81
C GLY J 47 45.34 -11.84 -7.54
N GLY J 48 45.88 -12.29 -6.42
CA GLY J 48 45.25 -12.08 -5.10
C GLY J 48 44.38 -13.22 -4.63
N GLU J 49 43.62 -13.80 -5.56
CA GLU J 49 42.68 -14.86 -5.22
C GLU J 49 43.20 -16.24 -5.59
N LYS J 50 42.75 -17.24 -4.86
CA LYS J 50 43.04 -18.64 -5.20
C LYS J 50 41.93 -19.18 -6.08
N ARG J 51 42.28 -19.54 -7.32
CA ARG J 51 41.32 -20.10 -8.27
C ARG J 51 41.32 -21.61 -8.13
N LEU J 52 40.19 -22.18 -7.74
CA LEU J 52 40.08 -23.63 -7.51
C LEU J 52 39.52 -24.35 -8.73
N CYS J 53 40.05 -25.53 -9.02
CA CYS J 53 39.56 -26.36 -10.11
C CYS J 53 38.14 -26.87 -9.83
N LEU J 54 37.18 -26.33 -10.58
CA LEU J 54 35.75 -26.57 -10.32
C LEU J 54 35.34 -28.05 -10.34
N PRO J 55 35.73 -28.81 -11.39
CA PRO J 55 35.39 -30.24 -11.38
C PRO J 55 35.79 -30.96 -10.09
N GLN J 56 36.95 -30.60 -9.54
CA GLN J 56 37.45 -31.24 -8.33
C GLN J 56 36.51 -30.95 -7.15
N VAL J 57 36.05 -29.70 -7.05
CA VAL J 57 35.06 -29.32 -6.03
C VAL J 57 33.74 -30.05 -6.23
N LEU J 58 33.29 -30.14 -7.48
CA LEU J 58 32.02 -30.79 -7.82
C LEU J 58 32.05 -32.30 -7.57
N ASN J 59 33.17 -32.92 -7.89
CA ASN J 59 33.30 -34.37 -7.79
C ASN J 59 33.75 -34.82 -6.39
N SER J 60 34.25 -33.87 -5.60
CA SER J 60 34.69 -34.15 -4.23
C SER J 60 33.66 -33.69 -3.21
N VAL J 61 33.66 -32.38 -2.93
CA VAL J 61 32.86 -31.81 -1.84
C VAL J 61 31.35 -31.82 -2.13
N LEU J 62 30.97 -31.43 -3.35
CA LEU J 62 29.55 -31.30 -3.70
C LEU J 62 29.04 -32.45 -4.58
N ARG J 63 29.40 -33.68 -4.23
CA ARG J 63 29.01 -34.90 -4.96
C ARG J 63 27.51 -35.13 -5.07
N GLU J 64 26.75 -34.63 -4.10
CA GLU J 64 25.31 -34.88 -4.02
C GLU J 64 24.55 -34.19 -5.16
N PHE J 65 25.16 -33.14 -5.71
CA PHE J 65 24.48 -32.28 -6.66
C PHE J 65 25.00 -32.47 -8.08
N THR J 66 24.10 -32.32 -9.05
CA THR J 66 24.45 -32.42 -10.46
C THR J 66 25.12 -31.15 -10.95
N LEU J 67 25.74 -31.21 -12.12
CA LEU J 67 26.39 -30.04 -12.72
C LEU J 67 25.37 -28.93 -13.00
N GLN J 68 24.18 -29.33 -13.48
CA GLN J 68 23.09 -28.40 -13.78
C GLN J 68 22.59 -27.71 -12.52
N GLN J 69 22.51 -28.46 -11.42
CA GLN J 69 22.13 -27.89 -10.13
C GLN J 69 23.17 -26.85 -9.68
N ILE J 70 24.45 -27.19 -9.81
CA ILE J 70 25.54 -26.27 -9.45
C ILE J 70 25.55 -25.01 -10.32
N ASN J 71 25.36 -25.17 -11.62
CA ASN J 71 25.31 -24.01 -12.52
C ASN J 71 24.16 -23.06 -12.12
N THR J 72 23.02 -23.62 -11.73
CA THR J 72 21.86 -22.83 -11.32
C THR J 72 22.11 -22.04 -10.01
N VAL J 73 22.76 -22.67 -9.03
CA VAL J 73 23.03 -21.99 -7.75
C VAL J 73 24.10 -20.90 -7.91
N CYS J 74 25.12 -21.17 -8.74
CA CYS J 74 26.12 -20.15 -9.07
C CYS J 74 25.47 -18.92 -9.69
N ASP J 75 24.47 -19.15 -10.51
CA ASP J 75 23.69 -18.08 -11.11
C ASP J 75 22.97 -17.29 -10.01
N GLU J 76 22.32 -18.01 -9.10
CA GLU J 76 21.67 -17.39 -7.94
C GLU J 76 22.66 -16.62 -7.07
N LEU J 77 23.85 -17.18 -6.88
CA LEU J 77 24.87 -16.59 -6.02
C LEU J 77 25.70 -15.49 -6.68
N TYR J 78 25.40 -15.19 -7.95
CA TYR J 78 26.16 -14.22 -8.73
C TYR J 78 27.65 -14.59 -8.71
N ILE J 79 27.91 -15.87 -8.96
CA ILE J 79 29.26 -16.39 -9.07
C ILE J 79 29.61 -16.56 -10.54
N TYR J 80 30.67 -15.90 -10.98
CA TYR J 80 31.21 -16.10 -12.31
C TYR J 80 32.41 -17.05 -12.20
N CYS J 81 32.29 -18.20 -12.86
CA CYS J 81 33.40 -19.15 -12.93
C CYS J 81 34.15 -18.90 -14.22
N SER J 82 35.42 -18.52 -14.11
CA SER J 82 36.25 -18.29 -15.29
C SER J 82 36.69 -19.64 -15.87
N ARG J 83 37.29 -19.60 -17.06
CA ARG J 83 37.73 -20.81 -17.71
C ARG J 83 39.26 -20.91 -17.67
N CYS J 84 39.76 -22.12 -17.51
CA CYS J 84 41.21 -22.37 -17.52
CA CYS J 84 41.20 -22.38 -17.52
C CYS J 84 41.81 -21.88 -18.83
N THR J 85 42.96 -21.21 -18.74
CA THR J 85 43.65 -20.75 -19.94
C THR J 85 44.21 -21.98 -20.64
N SER J 86 44.52 -21.84 -21.92
CA SER J 86 45.10 -22.94 -22.69
C SER J 86 46.17 -23.65 -21.86
N ASP J 87 47.05 -22.87 -21.24
CA ASP J 87 48.16 -23.41 -20.44
C ASP J 87 47.69 -24.18 -19.23
N GLN J 88 46.86 -23.54 -18.40
CA GLN J 88 46.42 -24.09 -17.11
C GLN J 88 45.79 -25.47 -17.23
N LEU J 89 45.05 -25.69 -18.31
CA LEU J 89 44.45 -27.00 -18.59
C LEU J 89 45.53 -28.07 -18.69
N HIS J 90 46.61 -27.76 -19.40
CA HIS J 90 47.72 -28.70 -19.58
C HIS J 90 48.47 -29.02 -18.28
N ILE J 91 48.54 -28.05 -17.38
CA ILE J 91 49.17 -28.26 -16.07
C ILE J 91 48.41 -29.29 -15.25
N LEU J 92 47.08 -29.18 -15.22
CA LEU J 92 46.23 -30.11 -14.46
C LEU J 92 46.27 -31.52 -15.06
N LYS J 93 46.34 -31.60 -16.38
CA LYS J 93 46.35 -32.87 -17.09
C LYS J 93 47.63 -33.68 -16.84
N VAL J 94 48.77 -33.00 -16.77
CA VAL J 94 50.05 -33.67 -16.51
C VAL J 94 50.12 -34.23 -15.09
N LEU J 95 49.51 -33.53 -14.13
CA LEU J 95 49.44 -34.02 -12.74
C LEU J 95 48.37 -35.10 -12.55
N GLY J 96 47.56 -35.35 -13.59
CA GLY J 96 46.53 -36.38 -13.53
C GLY J 96 45.26 -35.94 -12.83
N ILE J 97 45.13 -34.64 -12.57
CA ILE J 97 43.96 -34.09 -11.89
C ILE J 97 42.76 -34.11 -12.84
N LEU J 98 43.02 -33.85 -14.12
CA LEU J 98 42.02 -33.99 -15.17
C LEU J 98 42.46 -35.08 -16.14
N PRO J 99 41.50 -35.78 -16.76
CA PRO J 99 41.85 -36.69 -17.86
C PRO J 99 42.22 -35.90 -19.11
N PHE J 100 43.07 -36.46 -19.96
CA PHE J 100 43.49 -35.75 -21.18
C PHE J 100 42.34 -35.52 -22.18
N ASN J 101 41.29 -36.34 -22.09
CA ASN J 101 40.07 -36.10 -22.86
C ASN J 101 39.35 -34.79 -22.50
N ALA J 102 39.63 -34.25 -21.31
CA ALA J 102 38.97 -33.02 -20.83
C ALA J 102 39.22 -31.84 -21.78
N PRO J 103 38.15 -31.31 -22.38
CA PRO J 103 38.29 -30.21 -23.33
C PRO J 103 38.61 -28.86 -22.67
N SER J 104 37.95 -28.57 -21.56
CA SER J 104 38.19 -27.33 -20.81
C SER J 104 38.02 -27.59 -19.32
N CYS J 105 38.09 -26.54 -18.51
CA CYS J 105 38.00 -26.69 -17.06
C CYS J 105 37.64 -25.38 -16.36
N GLY J 106 36.53 -25.38 -15.63
CA GLY J 106 36.08 -24.21 -14.89
C GLY J 106 36.93 -23.93 -13.66
N LEU J 107 37.00 -22.64 -13.30
CA LEU J 107 37.73 -22.21 -12.11
C LEU J 107 36.84 -21.32 -11.25
N ILE J 108 36.92 -21.52 -9.93
CA ILE J 108 36.10 -20.76 -8.98
C ILE J 108 36.98 -20.23 -7.83
N THR J 109 36.82 -18.95 -7.50
CA THR J 109 37.60 -18.35 -6.41
C THR J 109 37.25 -19.05 -5.10
N LEU J 110 38.22 -19.15 -4.20
CA LEU J 110 38.01 -19.78 -2.90
C LEU J 110 36.80 -19.19 -2.20
N THR J 111 36.73 -17.86 -2.18
CA THR J 111 35.65 -17.13 -1.50
C THR J 111 34.28 -17.47 -2.10
N ASP J 112 34.20 -17.60 -3.43
CA ASP J 112 32.96 -18.03 -4.10
C ASP J 112 32.66 -19.51 -3.84
N ALA J 113 33.70 -20.34 -3.79
CA ALA J 113 33.53 -21.77 -3.53
C ALA J 113 32.97 -21.99 -2.13
N GLN J 114 33.52 -21.24 -1.17
CA GLN J 114 33.02 -21.27 0.21
C GLN J 114 31.54 -20.88 0.27
N ARG J 115 31.17 -19.87 -0.49
CA ARG J 115 29.77 -19.43 -0.54
C ARG J 115 28.86 -20.48 -1.18
N LEU J 116 29.33 -21.11 -2.27
CA LEU J 116 28.56 -22.15 -2.94
C LEU J 116 28.26 -23.29 -1.99
N CYS J 117 29.28 -23.74 -1.27
CA CYS J 117 29.16 -24.84 -0.32
C CYS J 117 28.27 -24.45 0.85
N ASN J 118 28.43 -23.23 1.37
CA ASN J 118 27.58 -22.75 2.47
C ASN J 118 26.11 -22.74 2.07
N ALA J 119 25.85 -22.34 0.82
CA ALA J 119 24.49 -22.19 0.33
C ALA J 119 23.81 -23.54 0.06
N LEU J 120 24.61 -24.55 -0.28
CA LEU J 120 24.09 -25.88 -0.59
C LEU J 120 24.11 -26.80 0.63
N LEU J 121 25.15 -26.69 1.46
CA LEU J 121 25.35 -27.58 2.60
C LEU J 121 24.79 -27.03 3.92
N ARG J 122 24.79 -25.70 4.06
CA ARG J 122 24.36 -25.06 5.32
C ARG J 122 23.43 -23.87 5.08
N PRO J 123 22.24 -24.13 4.52
CA PRO J 123 21.27 -23.07 4.34
C PRO J 123 20.81 -22.50 5.68
N ARG J 124 20.52 -21.20 5.71
CA ARG J 124 20.11 -20.53 6.94
C ARG J 124 18.68 -20.90 7.36
N THR J 125 18.47 -20.98 8.67
CA THR J 125 17.19 -21.40 9.29
C THR J 125 17.14 -22.93 9.45
N GLU K 30 3.77 45.37 -43.25
CA GLU K 30 2.39 45.29 -43.82
C GLU K 30 1.37 44.99 -42.73
N LEU K 31 0.51 45.96 -42.44
CA LEU K 31 -0.49 45.80 -41.37
C LEU K 31 -1.89 45.57 -41.94
N THR K 32 -2.67 44.76 -41.23
CA THR K 32 -4.07 44.51 -41.57
C THR K 32 -4.90 44.41 -40.29
N GLN K 33 -6.22 44.29 -40.43
CA GLN K 33 -7.13 44.22 -39.30
C GLN K 33 -7.98 42.96 -39.32
N THR K 34 -8.23 42.40 -38.14
CA THR K 34 -9.00 41.17 -37.99
C THR K 34 -9.96 41.26 -36.78
N VAL K 35 -11.14 40.67 -36.94
CA VAL K 35 -12.18 40.72 -35.91
C VAL K 35 -11.95 39.67 -34.83
N LEU K 36 -12.19 40.06 -33.57
CA LEU K 36 -12.07 39.18 -32.42
C LEU K 36 -13.02 39.67 -31.33
N GLU K 37 -14.00 38.83 -30.97
CA GLU K 37 -15.01 39.19 -29.98
C GLU K 37 -15.75 40.48 -30.34
N GLY K 38 -16.18 40.57 -31.60
CA GLY K 38 -16.89 41.76 -32.09
C GLY K 38 -16.08 43.03 -31.96
N GLU K 39 -14.78 42.94 -32.26
CA GLU K 39 -13.86 44.05 -32.08
C GLU K 39 -12.73 43.96 -33.10
N SER K 40 -12.43 45.09 -33.75
CA SER K 40 -11.40 45.10 -34.79
C SER K 40 -10.01 45.27 -34.18
N ILE K 41 -9.14 44.30 -34.43
CA ILE K 41 -7.79 44.28 -33.87
C ILE K 41 -6.74 44.24 -34.98
N SER K 42 -5.75 45.12 -34.89
CA SER K 42 -4.67 45.20 -35.88
C SER K 42 -3.76 43.98 -35.79
N CYS K 43 -3.14 43.61 -36.91
CA CYS K 43 -2.31 42.41 -36.96
C CYS K 43 -1.36 42.41 -38.16
N PHE K 44 -0.28 41.65 -38.03
CA PHE K 44 0.70 41.47 -39.10
C PHE K 44 0.65 40.03 -39.61
N GLN K 45 1.05 39.83 -40.87
CA GLN K 45 1.10 38.49 -41.47
C GLN K 45 2.50 37.90 -41.29
N VAL K 46 2.66 37.05 -40.28
CA VAL K 46 3.94 36.40 -39.98
C VAL K 46 3.75 34.89 -39.80
N GLY K 47 4.55 34.12 -40.53
CA GLY K 47 4.47 32.66 -40.49
C GLY K 47 3.18 32.11 -41.07
N GLY K 48 2.60 32.85 -42.01
CA GLY K 48 1.32 32.48 -42.62
C GLY K 48 0.16 32.45 -41.65
N GLU K 49 0.16 33.39 -40.70
CA GLU K 49 -0.88 33.49 -39.68
C GLU K 49 -1.13 34.94 -39.28
N LYS K 50 -2.39 35.27 -39.00
CA LYS K 50 -2.74 36.60 -38.51
C LYS K 50 -2.35 36.70 -37.03
N ARG K 51 -1.33 37.52 -36.74
CA ARG K 51 -0.82 37.69 -35.38
C ARG K 51 -1.19 39.06 -34.81
N LEU K 52 -2.03 39.04 -33.76
CA LEU K 52 -2.67 40.25 -33.24
C LEU K 52 -1.83 40.99 -32.20
N CYS K 53 -2.11 42.28 -32.03
CA CYS K 53 -1.40 43.12 -31.07
C CYS K 53 -1.94 42.90 -29.66
N LEU K 54 -1.16 42.19 -28.84
CA LEU K 54 -1.64 41.74 -27.52
C LEU K 54 -2.16 42.88 -26.63
N PRO K 55 -1.44 44.01 -26.56
CA PRO K 55 -1.99 45.14 -25.81
C PRO K 55 -3.34 45.63 -26.36
N GLN K 56 -3.51 45.56 -27.68
CA GLN K 56 -4.77 45.96 -28.31
C GLN K 56 -5.89 44.95 -28.04
N VAL K 57 -5.54 43.74 -27.62
CA VAL K 57 -6.52 42.73 -27.19
C VAL K 57 -6.89 42.93 -25.73
N LEU K 58 -5.91 43.30 -24.91
CA LEU K 58 -6.12 43.51 -23.47
C LEU K 58 -7.02 44.70 -23.16
N ASN K 59 -6.68 45.85 -23.74
CA ASN K 59 -7.39 47.09 -23.48
C ASN K 59 -8.76 47.17 -24.18
N SER K 60 -9.01 46.24 -25.11
CA SER K 60 -10.19 46.31 -25.98
C SER K 60 -11.19 45.16 -25.77
N VAL K 61 -10.68 43.94 -25.55
CA VAL K 61 -11.54 42.75 -25.45
C VAL K 61 -11.50 42.11 -24.06
N LEU K 62 -10.33 42.07 -23.43
CA LEU K 62 -10.16 41.45 -22.12
C LEU K 62 -9.94 42.54 -21.07
N ARG K 63 -10.88 43.48 -21.01
CA ARG K 63 -10.72 44.71 -20.23
C ARG K 63 -10.70 44.49 -18.71
N GLU K 64 -11.31 43.40 -18.25
CA GLU K 64 -11.45 43.12 -16.82
C GLU K 64 -10.21 42.45 -16.21
N PHE K 65 -9.19 42.19 -17.03
CA PHE K 65 -8.00 41.48 -16.59
C PHE K 65 -6.75 42.31 -16.81
N THR K 66 -5.67 41.90 -16.15
CA THR K 66 -4.37 42.54 -16.27
C THR K 66 -3.46 41.79 -17.24
N LEU K 67 -2.33 42.41 -17.59
CA LEU K 67 -1.34 41.80 -18.48
C LEU K 67 -0.67 40.59 -17.81
N GLN K 68 -0.36 40.72 -16.52
CA GLN K 68 0.22 39.63 -15.73
C GLN K 68 -0.71 38.41 -15.72
N GLN K 69 -2.00 38.66 -15.49
CA GLN K 69 -3.02 37.59 -15.52
C GLN K 69 -3.10 36.91 -16.90
N ILE K 70 -3.05 37.72 -17.95
CA ILE K 70 -3.09 37.19 -19.33
C ILE K 70 -1.86 36.35 -19.66
N ASN K 71 -0.68 36.82 -19.25
CA ASN K 71 0.57 36.07 -19.43
C ASN K 71 0.51 34.72 -18.71
N THR K 72 -0.06 34.74 -17.50
CA THR K 72 -0.20 33.54 -16.68
C THR K 72 -1.14 32.52 -17.31
N VAL K 73 -2.25 32.98 -17.87
CA VAL K 73 -3.22 32.09 -18.54
C VAL K 73 -2.64 31.56 -19.87
N CYS K 74 -1.86 32.38 -20.56
CA CYS K 74 -1.15 31.93 -21.75
C CYS K 74 -0.18 30.80 -21.43
N ASP K 75 0.39 30.82 -20.23
CA ASP K 75 1.25 29.74 -19.75
C ASP K 75 0.43 28.46 -19.57
N GLU K 76 -0.73 28.60 -18.92
CA GLU K 76 -1.64 27.48 -18.68
C GLU K 76 -2.13 26.85 -19.98
N LEU K 77 -2.43 27.68 -20.96
CA LEU K 77 -2.96 27.22 -22.26
C LEU K 77 -1.87 26.77 -23.24
N TYR K 78 -0.60 26.86 -22.84
CA TYR K 78 0.53 26.50 -23.68
C TYR K 78 0.62 27.40 -24.91
N ILE K 79 0.45 28.71 -24.68
CA ILE K 79 0.51 29.71 -25.75
C ILE K 79 1.85 30.44 -25.69
N TYR K 80 2.56 30.46 -26.81
CA TYR K 80 3.78 31.25 -26.95
C TYR K 80 3.49 32.52 -27.75
N CYS K 81 3.51 33.66 -27.06
CA CYS K 81 3.41 34.95 -27.72
C CYS K 81 4.80 35.40 -28.13
N SER K 82 4.94 35.86 -29.37
CA SER K 82 6.21 36.38 -29.87
C SER K 82 6.26 37.90 -29.74
N ARG K 83 7.46 38.44 -29.90
CA ARG K 83 7.69 39.88 -29.78
C ARG K 83 7.67 40.57 -31.14
N CYS K 84 7.26 41.83 -31.16
CA CYS K 84 7.27 42.63 -32.38
C CYS K 84 8.70 42.92 -32.83
N THR K 85 8.89 42.98 -34.14
CA THR K 85 10.18 43.41 -34.70
C THR K 85 10.32 44.91 -34.54
N SER K 86 11.54 45.41 -34.77
CA SER K 86 11.81 46.84 -34.71
C SER K 86 10.85 47.64 -35.59
N ASP K 87 10.64 47.14 -36.81
CA ASP K 87 9.75 47.79 -37.78
C ASP K 87 8.28 47.68 -37.37
N GLN K 88 7.86 46.48 -36.97
CA GLN K 88 6.49 46.23 -36.53
C GLN K 88 6.08 47.15 -35.37
N LEU K 89 7.01 47.36 -34.44
CA LEU K 89 6.78 48.26 -33.31
C LEU K 89 6.60 49.70 -33.80
N HIS K 90 7.40 50.10 -34.79
CA HIS K 90 7.33 51.45 -35.35
C HIS K 90 5.99 51.71 -36.04
N ILE K 91 5.54 50.76 -36.86
CA ILE K 91 4.28 50.88 -37.60
C ILE K 91 3.08 51.10 -36.65
N LEU K 92 3.09 50.42 -35.52
CA LEU K 92 2.01 50.57 -34.53
C LEU K 92 2.04 51.94 -33.85
N LYS K 93 3.24 52.49 -33.64
CA LYS K 93 3.40 53.79 -32.98
C LYS K 93 2.92 54.94 -33.86
N VAL K 94 3.34 54.95 -35.11
CA VAL K 94 2.91 55.97 -36.08
C VAL K 94 1.38 55.99 -36.23
N LEU K 95 0.76 54.82 -36.17
CA LEU K 95 -0.71 54.70 -36.24
C LEU K 95 -1.41 55.11 -34.94
N GLY K 96 -0.66 55.14 -33.83
CA GLY K 96 -1.21 55.53 -32.53
C GLY K 96 -1.76 54.38 -31.72
N ILE K 97 -1.54 53.14 -32.18
CA ILE K 97 -2.00 51.95 -31.47
C ILE K 97 -1.24 51.77 -30.16
N LEU K 98 0.05 52.13 -30.17
CA LEU K 98 0.87 52.15 -28.97
C LEU K 98 1.39 53.57 -28.73
N PRO K 99 1.67 53.91 -27.47
CA PRO K 99 2.28 55.21 -27.17
C PRO K 99 3.77 55.24 -27.52
N PHE K 100 4.35 56.44 -27.53
CA PHE K 100 5.78 56.61 -27.77
C PHE K 100 6.63 55.90 -26.70
N ASN K 101 6.10 55.82 -25.49
CA ASN K 101 6.76 55.14 -24.37
C ASN K 101 6.94 53.63 -24.57
N ALA K 102 6.06 53.02 -25.37
CA ALA K 102 6.05 51.57 -25.54
C ALA K 102 7.43 51.01 -25.91
N PRO K 103 8.06 50.25 -24.99
CA PRO K 103 9.39 49.70 -25.26
C PRO K 103 9.35 48.50 -26.20
N SER K 104 8.30 47.68 -26.09
CA SER K 104 8.14 46.48 -26.91
C SER K 104 6.65 46.18 -27.05
N CYS K 105 6.32 45.04 -27.67
CA CYS K 105 4.94 44.62 -27.84
C CYS K 105 4.80 43.13 -28.12
N GLY K 106 3.93 42.47 -27.36
CA GLY K 106 3.64 41.06 -27.57
C GLY K 106 2.72 40.85 -28.77
N LEU K 107 2.86 39.69 -29.41
CA LEU K 107 2.01 39.31 -30.55
C LEU K 107 1.45 37.90 -30.32
N ILE K 108 0.15 37.74 -30.59
CA ILE K 108 -0.54 36.47 -30.38
C ILE K 108 -1.34 36.09 -31.62
N THR K 109 -1.30 34.82 -32.00
CA THR K 109 -2.01 34.35 -33.18
C THR K 109 -3.52 34.35 -32.94
N LEU K 110 -4.28 34.45 -34.03
CA LEU K 110 -5.75 34.53 -33.94
C LEU K 110 -6.33 33.28 -33.27
N THR K 111 -5.79 32.12 -33.63
CA THR K 111 -6.25 30.84 -33.07
CA THR K 111 -6.23 30.84 -33.07
C THR K 111 -5.96 30.75 -31.57
N ASP K 112 -4.76 31.18 -31.16
CA ASP K 112 -4.39 31.20 -29.74
C ASP K 112 -5.18 32.26 -28.96
N ALA K 113 -5.38 33.41 -29.58
CA ALA K 113 -6.14 34.50 -28.98
C ALA K 113 -7.59 34.10 -28.73
N GLN K 114 -8.15 33.31 -29.64
CA GLN K 114 -9.52 32.80 -29.50
C GLN K 114 -9.64 31.77 -28.36
N ARG K 115 -8.61 30.95 -28.17
CA ARG K 115 -8.55 30.02 -27.05
C ARG K 115 -8.43 30.80 -25.73
N LEU K 116 -7.57 31.82 -25.73
CA LEU K 116 -7.39 32.69 -24.57
C LEU K 116 -8.71 33.35 -24.14
N CYS K 117 -9.44 33.87 -25.12
CA CYS K 117 -10.73 34.53 -24.88
C CYS K 117 -11.79 33.54 -24.39
N ASN K 118 -11.81 32.35 -24.99
CA ASN K 118 -12.75 31.30 -24.58
C ASN K 118 -12.44 30.81 -23.17
N ALA K 119 -11.16 30.71 -22.85
CA ALA K 119 -10.73 30.28 -21.51
C ALA K 119 -11.17 31.27 -20.44
N LEU K 120 -11.04 32.56 -20.73
CA LEU K 120 -11.35 33.61 -19.75
C LEU K 120 -12.82 33.99 -19.72
N LEU K 121 -13.46 34.06 -20.88
CA LEU K 121 -14.85 34.52 -20.99
C LEU K 121 -15.87 33.38 -21.05
N ARG K 122 -15.41 32.15 -21.21
CA ARG K 122 -16.30 31.00 -21.38
C ARG K 122 -15.78 29.73 -20.70
N PRO K 123 -15.54 29.79 -19.38
CA PRO K 123 -15.05 28.59 -18.71
C PRO K 123 -16.13 27.51 -18.68
N ARG K 124 -15.74 26.26 -18.83
CA ARG K 124 -16.69 25.17 -19.00
C ARG K 124 -17.28 24.75 -17.66
N THR K 125 -18.56 24.39 -17.68
CA THR K 125 -19.30 24.07 -16.46
C THR K 125 -20.25 22.89 -16.66
N LEU L 31 -28.55 -1.74 -11.10
CA LEU L 31 -29.03 -1.44 -9.72
C LEU L 31 -30.38 -2.09 -9.44
N THR L 32 -30.37 -3.14 -8.62
CA THR L 32 -31.59 -3.81 -8.15
C THR L 32 -31.70 -3.61 -6.64
N GLN L 33 -32.66 -4.28 -6.01
CA GLN L 33 -32.84 -4.19 -4.56
C GLN L 33 -33.09 -5.55 -3.91
N THR L 34 -32.45 -5.79 -2.77
CA THR L 34 -32.64 -7.03 -2.01
C THR L 34 -33.12 -6.72 -0.60
N VAL L 35 -33.80 -7.69 0.02
CA VAL L 35 -34.38 -7.51 1.34
C VAL L 35 -33.37 -7.84 2.42
N LEU L 36 -33.20 -6.91 3.37
CA LEU L 36 -32.38 -7.13 4.57
C LEU L 36 -33.18 -6.72 5.80
N GLU L 37 -33.53 -7.71 6.63
CA GLU L 37 -34.37 -7.49 7.82
C GLU L 37 -35.72 -6.87 7.46
N GLY L 38 -36.36 -7.44 6.44
CA GLY L 38 -37.66 -6.97 5.95
C GLY L 38 -37.62 -5.54 5.44
N GLU L 39 -36.59 -5.20 4.69
CA GLU L 39 -36.36 -3.83 4.24
C GLU L 39 -35.63 -3.82 2.89
N SER L 40 -36.15 -3.03 1.95
CA SER L 40 -35.65 -3.05 0.58
C SER L 40 -34.42 -2.15 0.40
N ILE L 41 -33.24 -2.77 0.37
CA ILE L 41 -31.97 -2.05 0.28
C ILE L 41 -31.40 -2.13 -1.13
N SER L 42 -30.85 -1.01 -1.62
CA SER L 42 -30.33 -0.92 -2.98
C SER L 42 -29.03 -1.70 -3.17
N CYS L 43 -28.98 -2.51 -4.24
CA CYS L 43 -27.86 -3.42 -4.51
C CYS L 43 -27.06 -3.04 -5.75
N PHE L 44 -25.86 -3.60 -5.83
CA PHE L 44 -25.05 -3.57 -7.05
C PHE L 44 -24.45 -4.96 -7.28
N GLN L 45 -24.79 -5.57 -8.42
CA GLN L 45 -24.22 -6.87 -8.79
C GLN L 45 -22.76 -6.68 -9.20
N VAL L 46 -21.84 -7.13 -8.34
CA VAL L 46 -20.40 -6.99 -8.57
C VAL L 46 -19.67 -8.25 -8.15
N GLY L 47 -19.12 -8.97 -9.13
CA GLY L 47 -18.38 -10.20 -8.88
C GLY L 47 -19.23 -11.33 -8.30
N GLY L 48 -20.48 -11.42 -8.75
CA GLY L 48 -21.38 -12.50 -8.31
C GLY L 48 -22.20 -12.16 -7.08
N GLU L 49 -21.53 -11.62 -6.06
CA GLU L 49 -22.19 -11.23 -4.81
C GLU L 49 -22.88 -9.87 -4.97
N LYS L 50 -24.10 -9.76 -4.48
CA LYS L 50 -24.81 -8.48 -4.44
C LYS L 50 -24.22 -7.63 -3.32
N ARG L 51 -23.99 -6.35 -3.60
CA ARG L 51 -23.38 -5.43 -2.64
C ARG L 51 -24.33 -4.30 -2.26
N LEU L 52 -24.67 -4.22 -0.97
CA LEU L 52 -25.67 -3.28 -0.48
C LEU L 52 -25.03 -1.93 -0.15
N CYS L 53 -25.83 -0.87 -0.31
CA CYS L 53 -25.44 0.47 0.11
C CYS L 53 -25.34 0.52 1.63
N LEU L 54 -24.12 0.70 2.16
CA LEU L 54 -23.90 0.60 3.61
C LEU L 54 -24.61 1.69 4.43
N PRO L 55 -24.52 2.96 3.99
CA PRO L 55 -25.25 4.02 4.70
C PRO L 55 -26.76 3.78 4.75
N GLN L 56 -27.30 3.16 3.70
CA GLN L 56 -28.72 2.81 3.67
C GLN L 56 -29.04 1.68 4.66
N VAL L 57 -28.13 0.72 4.82
CA VAL L 57 -28.30 -0.33 5.82
C VAL L 57 -28.29 0.26 7.23
N LEU L 58 -27.34 1.16 7.47
CA LEU L 58 -27.24 1.85 8.76
C LEU L 58 -28.50 2.64 9.10
N ASN L 59 -28.91 3.51 8.17
CA ASN L 59 -30.04 4.41 8.41
C ASN L 59 -31.40 3.72 8.45
N SER L 60 -31.49 2.55 7.81
CA SER L 60 -32.76 1.85 7.65
C SER L 60 -32.95 0.67 8.61
N VAL L 61 -31.91 -0.13 8.81
CA VAL L 61 -32.02 -1.37 9.59
C VAL L 61 -31.33 -1.29 10.96
N LEU L 62 -30.17 -0.65 11.00
CA LEU L 62 -29.37 -0.54 12.22
C LEU L 62 -29.44 0.88 12.78
N ARG L 63 -30.66 1.37 12.96
CA ARG L 63 -30.92 2.76 13.35
C ARG L 63 -30.31 3.16 14.69
N GLU L 64 -30.23 2.20 15.62
CA GLU L 64 -29.77 2.50 16.97
C GLU L 64 -28.25 2.65 17.09
N PHE L 65 -27.52 2.33 16.02
CA PHE L 65 -26.05 2.38 16.04
C PHE L 65 -25.50 3.47 15.12
N THR L 66 -24.29 3.93 15.43
CA THR L 66 -23.60 4.92 14.61
C THR L 66 -22.76 4.23 13.54
N LEU L 67 -22.26 5.01 12.58
CA LEU L 67 -21.42 4.50 11.49
C LEU L 67 -20.07 4.01 12.02
N GLN L 68 -19.52 4.75 12.99
CA GLN L 68 -18.27 4.38 13.64
C GLN L 68 -18.38 3.01 14.31
N GLN L 69 -19.52 2.76 14.97
CA GLN L 69 -19.76 1.47 15.62
C GLN L 69 -19.89 0.33 14.61
N ILE L 70 -20.59 0.60 13.51
CA ILE L 70 -20.71 -0.36 12.40
C ILE L 70 -19.34 -0.70 11.78
N ASN L 71 -18.49 0.31 11.63
CA ASN L 71 -17.10 0.11 11.19
C ASN L 71 -16.29 -0.74 12.17
N THR L 72 -16.52 -0.53 13.46
CA THR L 72 -15.82 -1.28 14.50
C THR L 72 -16.24 -2.75 14.49
N VAL L 73 -17.54 -2.99 14.36
CA VAL L 73 -18.07 -4.36 14.34
C VAL L 73 -17.63 -5.08 13.06
N CYS L 74 -17.75 -4.41 11.91
CA CYS L 74 -17.26 -4.98 10.65
C CYS L 74 -15.82 -5.45 10.77
N ASP L 75 -15.01 -4.69 11.50
CA ASP L 75 -13.63 -5.06 11.78
C ASP L 75 -13.57 -6.34 12.61
N GLU L 76 -14.34 -6.36 13.71
CA GLU L 76 -14.43 -7.53 14.58
C GLU L 76 -14.86 -8.78 13.84
N LEU L 77 -15.78 -8.61 12.88
CA LEU L 77 -16.32 -9.73 12.10
C LEU L 77 -15.50 -10.06 10.85
N TYR L 78 -14.40 -9.35 10.64
CA TYR L 78 -13.54 -9.53 9.47
C TYR L 78 -14.31 -9.27 8.16
N ILE L 79 -15.19 -8.26 8.18
CA ILE L 79 -15.91 -7.82 6.99
C ILE L 79 -15.11 -6.72 6.29
N TYR L 80 -14.80 -6.93 5.01
CA TYR L 80 -14.21 -5.90 4.17
C TYR L 80 -15.32 -5.21 3.39
N CYS L 81 -15.41 -3.89 3.53
CA CYS L 81 -16.38 -3.09 2.79
C CYS L 81 -15.66 -2.37 1.65
N SER L 82 -16.08 -2.66 0.42
CA SER L 82 -15.53 -1.98 -0.76
C SER L 82 -16.13 -0.58 -0.89
N ARG L 83 -15.46 0.25 -1.68
CA ARG L 83 -15.85 1.64 -1.85
C ARG L 83 -16.58 1.83 -3.19
N CYS L 84 -17.49 2.81 -3.24
CA CYS L 84 -18.28 3.08 -4.43
C CYS L 84 -17.45 3.71 -5.54
N THR L 85 -17.70 3.29 -6.77
CA THR L 85 -17.15 3.98 -7.94
C THR L 85 -17.99 5.23 -8.17
N SER L 86 -17.45 6.17 -8.94
CA SER L 86 -18.13 7.44 -9.21
C SER L 86 -19.47 7.24 -9.92
N ASP L 87 -19.53 6.24 -10.79
CA ASP L 87 -20.77 5.90 -11.50
C ASP L 87 -21.82 5.32 -10.55
N GLN L 88 -21.38 4.47 -9.62
CA GLN L 88 -22.27 3.87 -8.63
C GLN L 88 -22.75 4.90 -7.61
N LEU L 89 -21.87 5.81 -7.21
CA LEU L 89 -22.22 6.88 -6.28
C LEU L 89 -23.21 7.87 -6.91
N HIS L 90 -23.04 8.12 -8.21
CA HIS L 90 -23.94 9.00 -8.95
C HIS L 90 -25.35 8.40 -9.07
N ILE L 91 -25.41 7.11 -9.41
CA ILE L 91 -26.68 6.39 -9.48
C ILE L 91 -27.44 6.44 -8.16
N LEU L 92 -26.73 6.29 -7.04
CA LEU L 92 -27.33 6.40 -5.72
C LEU L 92 -27.88 7.80 -5.44
N LYS L 93 -27.13 8.82 -5.84
CA LYS L 93 -27.51 10.21 -5.60
C LYS L 93 -28.73 10.66 -6.39
N VAL L 94 -28.87 10.14 -7.61
CA VAL L 94 -30.02 10.45 -8.48
C VAL L 94 -31.31 9.79 -7.94
N LEU L 95 -31.19 8.56 -7.43
CA LEU L 95 -32.32 7.86 -6.82
C LEU L 95 -32.72 8.45 -5.47
N GLY L 96 -31.83 9.22 -4.84
CA GLY L 96 -32.11 9.86 -3.55
C GLY L 96 -31.73 9.04 -2.33
N ILE L 97 -31.07 7.90 -2.55
CA ILE L 97 -30.62 7.03 -1.47
C ILE L 97 -29.56 7.73 -0.63
N LEU L 98 -28.65 8.44 -1.30
CA LEU L 98 -27.66 9.30 -0.65
C LEU L 98 -28.00 10.74 -0.98
N PRO L 99 -27.66 11.68 -0.08
CA PRO L 99 -27.82 13.09 -0.43
C PRO L 99 -26.77 13.53 -1.43
N PHE L 100 -27.03 14.65 -2.11
CA PHE L 100 -26.07 15.22 -3.08
C PHE L 100 -24.72 15.54 -2.44
N ASN L 101 -24.73 15.71 -1.13
CA ASN L 101 -23.55 16.14 -0.37
C ASN L 101 -22.57 15.02 -0.04
N ALA L 102 -22.99 13.77 -0.23
CA ALA L 102 -22.23 12.60 0.22
C ALA L 102 -20.91 12.45 -0.55
N PRO L 103 -19.78 12.30 0.17
CA PRO L 103 -18.46 12.24 -0.47
C PRO L 103 -18.11 10.89 -1.08
N SER L 104 -18.54 9.82 -0.42
N SER L 104 -18.53 9.81 -0.43
CA SER L 104 -18.22 8.46 -0.82
CA SER L 104 -18.30 8.46 -0.95
C SER L 104 -19.33 7.54 -0.32
C SER L 104 -19.32 7.54 -0.31
N CYS L 105 -19.17 6.24 -0.51
CA CYS L 105 -20.14 5.27 -0.01
C CYS L 105 -19.53 3.87 0.10
N GLY L 106 -19.67 3.28 1.28
CA GLY L 106 -19.25 1.90 1.51
C GLY L 106 -20.21 0.93 0.85
N LEU L 107 -19.71 -0.26 0.54
CA LEU L 107 -20.55 -1.32 -0.03
C LEU L 107 -20.25 -2.64 0.68
N ILE L 108 -21.31 -3.28 1.18
CA ILE L 108 -21.19 -4.51 1.94
C ILE L 108 -22.00 -5.61 1.25
N THR L 109 -21.45 -6.82 1.23
CA THR L 109 -22.12 -7.96 0.59
C THR L 109 -23.32 -8.40 1.42
N LEU L 110 -24.32 -8.99 0.76
CA LEU L 110 -25.52 -9.47 1.43
C LEU L 110 -25.18 -10.44 2.57
N THR L 111 -24.27 -11.36 2.31
CA THR L 111 -23.85 -12.34 3.33
C THR L 111 -23.23 -11.66 4.56
N ASP L 112 -22.33 -10.70 4.30
CA ASP L 112 -21.70 -9.93 5.37
C ASP L 112 -22.69 -9.02 6.09
N ALA L 113 -23.65 -8.50 5.34
CA ALA L 113 -24.71 -7.65 5.90
C ALA L 113 -25.60 -8.46 6.83
N GLN L 114 -25.88 -9.70 6.44
CA GLN L 114 -26.67 -10.62 7.25
C GLN L 114 -25.94 -11.00 8.55
N ARG L 115 -24.62 -11.16 8.46
CA ARG L 115 -23.79 -11.47 9.62
C ARG L 115 -23.71 -10.26 10.55
N LEU L 116 -23.47 -9.09 9.97
CA LEU L 116 -23.41 -7.84 10.73
C LEU L 116 -24.69 -7.61 11.52
N CYS L 117 -25.83 -7.81 10.86
CA CYS L 117 -27.13 -7.66 11.49
C CYS L 117 -27.35 -8.69 12.60
N ASN L 118 -26.99 -9.95 12.34
CA ASN L 118 -27.10 -11.01 13.35
C ASN L 118 -26.25 -10.72 14.57
N ALA L 119 -25.01 -10.28 14.33
CA ALA L 119 -24.08 -9.94 15.41
C ALA L 119 -24.62 -8.81 16.30
N LEU L 120 -25.20 -7.79 15.69
CA LEU L 120 -25.71 -6.63 16.43
C LEU L 120 -27.12 -6.84 17.00
N LEU L 121 -28.00 -7.46 16.23
CA LEU L 121 -29.40 -7.63 16.64
C LEU L 121 -29.67 -8.90 17.45
N ARG L 122 -28.86 -9.94 17.25
CA ARG L 122 -29.09 -11.25 17.89
C ARG L 122 -27.82 -11.85 18.48
N PRO L 123 -27.32 -11.26 19.59
CA PRO L 123 -26.13 -11.84 20.23
C PRO L 123 -26.45 -13.17 20.91
N ARG L 124 -25.41 -13.96 21.17
CA ARG L 124 -25.56 -15.27 21.79
C ARG L 124 -25.16 -15.24 23.25
#